data_5VKK
#
_entry.id   5VKK
#
_cell.length_a   56.712
_cell.length_b   61.564
_cell.length_c   65.285
_cell.angle_alpha   71.81
_cell.angle_beta   81.07
_cell.angle_gamma   75.95
#
_symmetry.space_group_name_H-M   'P 1'
#
loop_
_entity.id
_entity.type
_entity.pdbx_description
1 polymer 'Epratuzumab Fab Heavy Chain'
2 polymer 'Epratuzumab Fab Light Chain'
3 water water
#
loop_
_entity_poly.entity_id
_entity_poly.type
_entity_poly.pdbx_seq_one_letter_code
_entity_poly.pdbx_strand_id
1 'polypeptide(L)'
;QVQLVQSGAEVKKPGSSVKVSCKASGYTFTSYWLHWVRQAPGQGLEWIGYINPRNDYTEYNQNFKDKATITADESTNTAY
MELSSLRSEDTAFYFCARRDITTFYWGQGTTVTVSSASTKGPSVFPLAPSSKSTSGGTAALGCLVKDYFPEPVTVSWNSG
ALTSGVHTFPAVLQSSGLYSLSSVVTVPSSSLGTQTYICNVNHKPSNTKVDKRVEPKSC
;
H,A
2 'polypeptide(L)'
;DIQLTQSPSSLSASVGDRVTMSCKSSQSVLYSANHKNYLAWYQQKPGKAPKLLIYWASTRESGVPSRFSGSGSGTDFTLT
ISSLQPEDIATYYCHQYLSSWTFGGGTKLEIKRTVAAPSVFIFPPSDEQLKSGTASVVCLLNNFYPREAKVQWKVDNALQ
SGNSQESVTEQDSKDSTYSLSSTLTLSKADYEKHKVYACEVTHQGLSSPVTKSFNRGEC
;
L,B
#
# COMPACT_ATOMS: atom_id res chain seq x y z
N VAL A 2 39.61 -14.76 14.15
CA VAL A 2 39.56 -13.66 13.19
C VAL A 2 38.11 -13.23 12.97
N GLN A 3 37.59 -12.46 13.92
CA GLN A 3 36.19 -12.05 13.89
C GLN A 3 36.05 -10.66 14.50
N LEU A 4 34.98 -9.98 14.10
CA LEU A 4 34.66 -8.65 14.61
C LEU A 4 33.47 -8.80 15.54
N VAL A 5 33.66 -8.37 16.78
CA VAL A 5 32.67 -8.55 17.85
C VAL A 5 32.14 -7.17 18.22
N GLN A 6 30.84 -6.96 18.02
CA GLN A 6 30.19 -5.69 18.29
C GLN A 6 29.50 -5.71 19.65
N SER A 7 29.29 -4.52 20.21
CA SER A 7 28.63 -4.39 21.49
C SER A 7 27.14 -4.70 21.36
N GLY A 8 26.47 -4.79 22.50
CA GLY A 8 25.12 -5.32 22.56
C GLY A 8 24.05 -4.32 22.14
N ALA A 9 22.82 -4.85 22.04
CA ALA A 9 21.66 -4.07 21.63
C ALA A 9 21.51 -2.82 22.50
N GLU A 10 21.04 -1.74 21.89
CA GLU A 10 20.87 -0.47 22.58
C GLU A 10 19.45 0.07 22.38
N VAL A 11 18.88 0.60 23.45
CA VAL A 11 17.57 1.23 23.44
C VAL A 11 17.75 2.63 24.02
N LYS A 12 17.44 3.65 23.22
CA LYS A 12 17.81 5.01 23.57
C LYS A 12 16.62 5.95 23.37
N LYS A 13 16.57 6.99 24.20
CA LYS A 13 15.59 8.04 24.05
C LYS A 13 16.03 9.04 22.98
N PRO A 14 15.08 9.71 22.32
CA PRO A 14 15.45 10.73 21.35
C PRO A 14 16.27 11.82 21.99
N GLY A 15 17.22 12.38 21.23
CA GLY A 15 18.09 13.42 21.72
C GLY A 15 19.36 12.92 22.38
N SER A 16 19.40 11.66 22.77
CA SER A 16 20.59 11.08 23.40
C SER A 16 21.61 10.68 22.33
N SER A 17 22.75 10.19 22.80
CA SER A 17 23.81 9.70 21.94
C SER A 17 24.06 8.23 22.25
N VAL A 18 24.68 7.55 21.29
CA VAL A 18 25.05 6.15 21.45
C VAL A 18 26.38 5.93 20.74
N LYS A 19 27.24 5.13 21.37
CA LYS A 19 28.56 4.77 20.84
C LYS A 19 28.64 3.25 20.81
N VAL A 20 28.72 2.69 19.62
CA VAL A 20 28.77 1.23 19.46
C VAL A 20 30.22 0.84 19.21
N SER A 21 30.62 -0.30 19.71
CA SER A 21 32.00 -0.74 19.67
C SER A 21 32.13 -1.95 18.76
N CYS A 22 33.31 -2.11 18.20
CA CYS A 22 33.60 -3.21 17.29
C CYS A 22 35.01 -3.66 17.62
N LYS A 23 35.13 -4.82 18.24
CA LYS A 23 36.43 -5.31 18.63
C LYS A 23 36.92 -6.29 17.59
N ALA A 24 38.16 -6.08 17.16
CA ALA A 24 38.82 -6.89 16.16
C ALA A 24 39.85 -7.77 16.85
N SER A 25 39.86 -9.04 16.49
CA SER A 25 40.77 -9.99 17.09
C SER A 25 41.32 -10.91 16.02
N GLY A 26 42.51 -11.44 16.27
CA GLY A 26 43.09 -12.43 15.40
C GLY A 26 43.75 -11.89 14.14
N TYR A 27 44.04 -10.60 14.10
CA TYR A 27 44.76 -10.01 12.97
C TYR A 27 45.38 -8.71 13.45
N THR A 28 46.02 -7.99 12.51
CA THR A 28 46.65 -6.71 12.82
C THR A 28 45.61 -5.61 12.60
N PHE A 29 45.25 -4.92 13.68
CA PHE A 29 44.14 -3.98 13.67
C PHE A 29 44.41 -2.77 12.78
N THR A 30 45.65 -2.32 12.70
CA THR A 30 45.95 -1.11 11.93
C THR A 30 46.20 -1.39 10.45
N SER A 31 46.21 -2.65 10.03
CA SER A 31 46.53 -3.00 8.65
C SER A 31 45.34 -2.91 7.69
N TYR A 32 44.11 -2.69 8.17
CA TYR A 32 42.95 -2.71 7.30
C TYR A 32 41.95 -1.65 7.70
N TRP A 33 41.30 -1.05 6.70
CA TRP A 33 40.24 -0.09 6.98
C TRP A 33 39.08 -0.78 7.65
N LEU A 34 38.46 -0.10 8.61
CA LEU A 34 37.28 -0.59 9.31
C LEU A 34 36.10 0.28 8.90
N HIS A 35 35.08 -0.35 8.33
CA HIS A 35 33.90 0.34 7.83
C HIS A 35 32.71 0.09 8.76
N TRP A 36 31.74 1.00 8.69
CA TRP A 36 30.45 0.84 9.34
C TRP A 36 29.34 0.92 8.29
N VAL A 37 28.31 0.10 8.46
CA VAL A 37 27.23 -0.04 7.50
C VAL A 37 25.91 -0.05 8.26
N ARG A 38 24.92 0.68 7.75
CA ARG A 38 23.61 0.76 8.38
C ARG A 38 22.58 -0.01 7.56
N GLN A 39 21.60 -0.59 8.26
CA GLN A 39 20.46 -1.25 7.61
C GLN A 39 19.20 -0.93 8.40
N ALA A 40 18.39 -0.01 7.88
CA ALA A 40 17.11 0.31 8.49
C ALA A 40 16.16 -0.87 8.32
N PRO A 41 15.15 -0.98 9.19
CA PRO A 41 14.26 -2.16 9.14
C PRO A 41 13.59 -2.33 7.79
N GLY A 42 13.69 -3.55 7.25
CA GLY A 42 13.11 -3.86 5.96
C GLY A 42 13.80 -3.22 4.77
N GLN A 43 14.95 -2.59 4.98
CA GLN A 43 15.66 -1.82 3.95
C GLN A 43 16.96 -2.55 3.59
N GLY A 44 17.73 -1.92 2.71
CA GLY A 44 18.97 -2.50 2.23
C GLY A 44 20.16 -2.02 3.04
N LEU A 45 21.35 -2.34 2.53
CA LEU A 45 22.59 -2.01 3.22
C LEU A 45 23.09 -0.66 2.73
N GLU A 46 23.47 0.21 3.68
CA GLU A 46 23.98 1.53 3.35
C GLU A 46 25.28 1.79 4.08
N TRP A 47 26.31 2.13 3.31
CA TRP A 47 27.63 2.43 3.86
C TRP A 47 27.61 3.72 4.66
N ILE A 48 28.19 3.69 5.85
CA ILE A 48 28.26 4.88 6.70
C ILE A 48 29.57 5.62 6.50
N GLY A 49 30.67 4.89 6.59
CA GLY A 49 31.99 5.48 6.48
C GLY A 49 33.05 4.47 6.88
N TYR A 50 34.28 4.94 6.96
CA TYR A 50 35.36 4.05 7.37
C TYR A 50 36.42 4.86 8.12
N ILE A 51 37.31 4.13 8.78
CA ILE A 51 38.46 4.71 9.43
C ILE A 51 39.67 3.87 9.08
N ASN A 52 40.78 4.54 8.80
CA ASN A 52 42.08 3.90 8.69
C ASN A 52 42.69 3.93 10.09
N PRO A 53 42.67 2.80 10.80
CA PRO A 53 43.14 2.80 12.19
C PRO A 53 44.62 3.14 12.35
N ARG A 54 45.39 3.16 11.26
CA ARG A 54 46.82 3.44 11.39
C ARG A 54 47.06 4.92 11.62
N ASN A 55 46.31 5.79 10.92
CA ASN A 55 46.47 7.24 11.05
C ASN A 55 45.19 7.96 11.44
N ASP A 56 44.13 7.23 11.80
CA ASP A 56 42.85 7.81 12.23
C ASP A 56 42.17 8.63 11.14
N TYR A 57 42.58 8.45 9.88
CA TYR A 57 41.90 9.10 8.77
C TYR A 57 40.51 8.49 8.58
N THR A 58 39.52 9.35 8.36
CA THR A 58 38.13 8.94 8.22
C THR A 58 37.48 9.60 7.01
N GLU A 59 36.57 8.86 6.39
CA GLU A 59 35.72 9.37 5.32
C GLU A 59 34.31 8.84 5.55
N TYR A 60 33.31 9.64 5.20
CA TYR A 60 31.92 9.31 5.50
C TYR A 60 31.08 9.40 4.24
N ASN A 61 30.06 8.54 4.19
CA ASN A 61 28.92 8.77 3.32
C ASN A 61 28.36 10.16 3.59
N GLN A 62 28.09 10.90 2.51
CA GLN A 62 27.55 12.25 2.63
C GLN A 62 26.33 12.30 3.54
N ASN A 63 25.48 11.27 3.49
CA ASN A 63 24.23 11.29 4.24
C ASN A 63 24.41 11.14 5.76
N PHE A 64 25.60 10.78 6.23
CA PHE A 64 25.83 10.55 7.66
C PHE A 64 26.78 11.57 8.29
N LYS A 65 27.09 12.66 7.59
CA LYS A 65 28.11 13.59 8.05
C LYS A 65 27.69 14.30 9.34
N ASP A 66 26.42 14.65 9.47
CA ASP A 66 25.94 15.28 10.70
C ASP A 66 25.43 14.28 11.72
N LYS A 67 25.62 12.99 11.48
CA LYS A 67 25.14 11.96 12.40
C LYS A 67 26.21 11.09 13.04
N ALA A 68 27.18 10.61 12.27
CA ALA A 68 28.07 9.55 12.73
C ALA A 68 29.50 10.01 12.83
N THR A 69 30.18 9.53 13.87
CA THR A 69 31.60 9.78 14.10
C THR A 69 32.29 8.44 14.35
N ILE A 70 33.23 8.09 13.48
CA ILE A 70 33.94 6.82 13.59
C ILE A 70 35.32 7.09 14.19
N THR A 71 35.67 6.35 15.23
CA THR A 71 36.97 6.45 15.87
C THR A 71 37.58 5.06 16.02
N ALA A 72 38.85 5.02 16.40
CA ALA A 72 39.51 3.75 16.64
C ALA A 72 40.60 3.91 17.70
N ASP A 73 40.94 2.80 18.34
CA ASP A 73 42.01 2.75 19.34
C ASP A 73 42.87 1.54 19.05
N GLU A 74 44.07 1.77 18.51
CA GLU A 74 44.98 0.65 18.26
C GLU A 74 45.39 -0.03 19.57
N SER A 75 45.55 0.74 20.65
CA SER A 75 46.02 0.18 21.90
C SER A 75 45.07 -0.86 22.49
N THR A 76 43.78 -0.78 22.15
CA THR A 76 42.82 -1.76 22.61
C THR A 76 42.28 -2.58 21.44
N ASN A 77 42.73 -2.30 20.21
CA ASN A 77 42.27 -2.98 18.99
C ASN A 77 40.74 -2.99 18.88
N THR A 78 40.16 -1.80 19.11
CA THR A 78 38.73 -1.59 19.14
C THR A 78 38.40 -0.37 18.29
N ALA A 79 37.36 -0.49 17.46
CA ALA A 79 36.82 0.62 16.69
C ALA A 79 35.46 1.02 17.25
N TYR A 80 35.11 2.29 17.05
CA TYR A 80 33.86 2.82 17.58
C TYR A 80 33.11 3.60 16.52
N MET A 81 31.78 3.57 16.60
CA MET A 81 30.94 4.44 15.80
C MET A 81 29.91 5.08 16.74
N GLU A 82 29.93 6.42 16.83
CA GLU A 82 29.04 7.18 17.71
C GLU A 82 28.01 7.96 16.91
N LEU A 83 26.75 7.86 17.33
CA LEU A 83 25.62 8.56 16.71
C LEU A 83 25.14 9.66 17.64
N SER A 84 25.03 10.89 17.12
CA SER A 84 24.64 12.04 17.92
C SER A 84 23.18 12.43 17.68
N SER A 85 22.56 12.98 18.73
CA SER A 85 21.19 13.52 18.68
C SER A 85 20.23 12.55 18.01
N LEU A 86 20.09 11.37 18.64
CA LEU A 86 19.32 10.28 18.08
C LEU A 86 17.88 10.67 17.82
N ARG A 87 17.35 10.18 16.70
CA ARG A 87 15.95 10.37 16.34
C ARG A 87 15.39 9.02 15.92
N SER A 88 14.07 8.97 15.72
CA SER A 88 13.39 7.72 15.37
C SER A 88 13.96 7.07 14.11
N GLU A 89 14.34 7.89 13.11
CA GLU A 89 14.89 7.32 11.87
C GLU A 89 16.25 6.67 12.06
N ASP A 90 16.87 6.81 13.23
CA ASP A 90 18.15 6.16 13.49
C ASP A 90 17.98 4.72 13.95
N THR A 91 16.73 4.27 14.15
CA THR A 91 16.42 2.91 14.50
C THR A 91 16.83 1.98 13.37
N ALA A 92 17.90 1.22 13.55
CA ALA A 92 18.41 0.38 12.46
C ALA A 92 19.39 -0.66 12.99
N PHE A 93 19.85 -1.52 12.07
CA PHE A 93 20.94 -2.45 12.29
C PHE A 93 22.24 -1.79 11.87
N TYR A 94 23.26 -1.88 12.72
CA TYR A 94 24.57 -1.30 12.45
C TYR A 94 25.65 -2.37 12.46
N PHE A 95 26.36 -2.52 11.36
CA PHE A 95 27.43 -3.51 11.20
C PHE A 95 28.78 -2.83 11.07
N CYS A 96 29.81 -3.41 11.68
CA CYS A 96 31.17 -3.10 11.27
C CYS A 96 31.68 -4.18 10.34
N ALA A 97 32.51 -3.78 9.38
CA ALA A 97 33.00 -4.68 8.36
C ALA A 97 34.41 -4.26 7.94
N ARG A 98 35.26 -5.26 7.71
CA ARG A 98 36.60 -5.05 7.17
C ARG A 98 36.84 -5.97 5.99
N ARG A 99 37.73 -5.55 5.09
CA ARG A 99 38.08 -6.31 3.89
C ARG A 99 39.52 -6.79 4.01
N ASP A 100 39.72 -8.08 3.76
CA ASP A 100 41.04 -8.69 3.75
C ASP A 100 41.42 -9.02 2.30
N ILE A 101 42.64 -9.51 2.12
CA ILE A 101 43.05 -9.98 0.80
C ILE A 101 42.21 -11.18 0.37
N THR A 102 41.88 -12.05 1.32
CA THR A 102 41.21 -13.29 0.99
C THR A 102 39.70 -13.21 1.13
N THR A 103 39.19 -12.38 2.03
CA THR A 103 37.77 -12.41 2.32
C THR A 103 37.34 -11.11 2.99
N PHE A 104 36.07 -11.06 3.37
CA PHE A 104 35.47 -10.00 4.16
C PHE A 104 35.07 -10.55 5.53
N TYR A 105 35.16 -9.67 6.54
CA TYR A 105 34.73 -9.97 7.89
C TYR A 105 33.75 -8.92 8.37
N TRP A 106 32.55 -9.37 8.71
CA TRP A 106 31.48 -8.51 9.22
C TRP A 106 31.25 -8.84 10.69
N GLY A 107 30.94 -7.81 11.47
CA GLY A 107 30.50 -8.06 12.83
C GLY A 107 29.09 -8.63 12.84
N GLN A 108 28.67 -9.12 14.00
CA GLN A 108 27.36 -9.75 14.11
C GLN A 108 26.21 -8.74 14.03
N GLY A 109 26.49 -7.45 14.15
CA GLY A 109 25.48 -6.43 14.07
C GLY A 109 25.04 -5.94 15.44
N THR A 110 24.62 -4.67 15.49
CA THR A 110 24.09 -4.06 16.69
C THR A 110 22.82 -3.32 16.33
N THR A 111 21.71 -3.64 17.00
CA THR A 111 20.50 -2.88 16.82
C THR A 111 20.51 -1.66 17.72
N VAL A 112 20.08 -0.53 17.17
CA VAL A 112 19.83 0.67 17.95
C VAL A 112 18.36 1.01 17.77
N THR A 113 17.64 1.07 18.88
CA THR A 113 16.23 1.39 18.88
C THR A 113 16.04 2.72 19.59
N VAL A 114 15.46 3.69 18.89
CA VAL A 114 15.24 5.02 19.43
C VAL A 114 13.75 5.18 19.63
N SER A 115 13.35 5.44 20.87
CA SER A 115 11.95 5.57 21.22
C SER A 115 11.84 6.36 22.51
N SER A 116 10.75 7.11 22.63
CA SER A 116 10.42 7.79 23.87
C SER A 116 9.77 6.85 24.89
N ALA A 117 9.31 5.67 24.46
CA ALA A 117 8.67 4.77 25.41
C ALA A 117 9.67 4.28 26.46
N SER A 118 9.12 3.84 27.58
CA SER A 118 9.89 3.33 28.72
C SER A 118 9.58 1.87 28.94
N THR A 119 10.45 1.20 29.70
CA THR A 119 10.35 -0.24 29.92
C THR A 119 9.01 -0.60 30.52
N LYS A 120 8.40 -1.67 30.01
CA LYS A 120 7.11 -2.13 30.50
C LYS A 120 6.94 -3.60 30.17
N GLY A 121 6.48 -4.36 31.16
CA GLY A 121 6.22 -5.76 30.95
C GLY A 121 4.88 -5.94 30.27
N PRO A 122 4.71 -7.05 29.57
CA PRO A 122 3.49 -7.26 28.80
C PRO A 122 2.41 -7.97 29.63
N SER A 123 1.19 -7.83 29.14
CA SER A 123 0.10 -8.68 29.58
C SER A 123 0.00 -9.85 28.61
N VAL A 124 -0.30 -11.03 29.16
CA VAL A 124 -0.39 -12.25 28.39
C VAL A 124 -1.86 -12.66 28.44
N PHE A 125 -2.54 -12.56 27.31
CA PHE A 125 -3.94 -12.93 27.27
C PHE A 125 -4.11 -14.17 26.41
N PRO A 126 -5.05 -15.05 26.78
CA PRO A 126 -5.22 -16.28 25.99
C PRO A 126 -5.92 -15.99 24.67
N LEU A 127 -5.56 -16.78 23.67
CA LEU A 127 -6.27 -16.85 22.40
C LEU A 127 -6.99 -18.20 22.44
N ALA A 128 -8.22 -18.18 22.96
CA ALA A 128 -8.91 -19.42 23.31
C ALA A 128 -9.37 -20.14 22.05
N PRO A 129 -9.11 -21.44 21.92
CA PRO A 129 -9.63 -22.18 20.78
C PRO A 129 -11.13 -22.45 20.90
N SER A 130 -11.78 -22.47 19.74
CA SER A 130 -13.22 -22.73 19.65
C SER A 130 -13.51 -23.18 18.22
N SER A 131 -14.80 -23.36 17.92
CA SER A 131 -15.20 -23.65 16.54
C SER A 131 -14.78 -22.54 15.60
N LYS A 132 -14.64 -21.32 16.13
CA LYS A 132 -14.20 -20.19 15.33
C LYS A 132 -12.73 -20.28 14.96
N SER A 133 -11.96 -21.12 15.66
CA SER A 133 -10.54 -21.34 15.38
C SER A 133 -10.27 -22.80 15.02
N THR A 134 -11.26 -23.45 14.42
CA THR A 134 -11.15 -24.84 14.00
C THR A 134 -11.52 -24.96 12.53
N SER A 135 -10.78 -25.79 11.80
CA SER A 135 -11.07 -26.11 10.42
C SER A 135 -10.73 -27.58 10.23
N GLY A 136 -11.74 -28.38 9.95
CA GLY A 136 -11.53 -29.82 9.81
C GLY A 136 -10.92 -30.39 11.07
N GLY A 137 -9.83 -31.14 10.90
CA GLY A 137 -9.11 -31.73 12.02
C GLY A 137 -8.01 -30.83 12.55
N THR A 138 -8.09 -29.54 12.25
CA THR A 138 -7.08 -28.58 12.69
C THR A 138 -7.70 -27.46 13.51
N ALA A 139 -7.11 -27.21 14.68
CA ALA A 139 -7.52 -26.15 15.60
C ALA A 139 -6.34 -25.22 15.86
N ALA A 140 -6.61 -23.94 16.06
CA ALA A 140 -5.60 -22.97 16.43
C ALA A 140 -5.87 -22.40 17.82
N LEU A 141 -4.79 -22.23 18.60
CA LEU A 141 -4.83 -21.57 19.89
C LEU A 141 -3.52 -20.81 20.06
N GLY A 142 -3.48 -19.90 21.03
CA GLY A 142 -2.28 -19.14 21.25
C GLY A 142 -2.37 -18.19 22.43
N CYS A 143 -1.40 -17.27 22.48
CA CYS A 143 -1.32 -16.25 23.50
C CYS A 143 -1.03 -14.91 22.86
N LEU A 144 -1.75 -13.88 23.31
CA LEU A 144 -1.52 -12.51 22.89
C LEU A 144 -0.65 -11.83 23.95
N VAL A 145 0.55 -11.43 23.56
CA VAL A 145 1.52 -10.81 24.47
C VAL A 145 1.52 -9.33 24.12
N LYS A 146 0.79 -8.53 24.90
CA LYS A 146 0.52 -7.15 24.51
C LYS A 146 1.19 -6.13 25.41
N ASP A 147 1.47 -4.96 24.80
CA ASP A 147 1.92 -3.76 25.49
C ASP A 147 3.20 -3.95 26.31
N TYR A 148 4.29 -4.31 25.64
CA TYR A 148 5.59 -4.40 26.28
C TYR A 148 6.61 -3.55 25.54
N PHE A 149 7.69 -3.21 26.28
CA PHE A 149 8.82 -2.46 25.75
C PHE A 149 10.00 -2.71 26.68
N PRO A 150 11.23 -2.86 26.16
CA PRO A 150 11.45 -2.99 24.72
C PRO A 150 11.39 -4.43 24.25
N GLU A 151 11.88 -4.68 23.04
CA GLU A 151 12.07 -6.04 22.57
C GLU A 151 13.25 -6.67 23.32
N PRO A 152 13.27 -8.01 23.44
CA PRO A 152 12.35 -9.02 22.93
C PRO A 152 11.55 -9.71 24.02
N VAL A 153 10.55 -10.48 23.60
CA VAL A 153 9.89 -11.43 24.48
C VAL A 153 10.15 -12.81 23.91
N THR A 154 10.28 -13.80 24.78
CA THR A 154 10.45 -15.17 24.35
C THR A 154 9.28 -15.99 24.85
N VAL A 155 8.80 -16.90 24.01
CA VAL A 155 7.63 -17.72 24.32
C VAL A 155 8.01 -19.17 24.09
N SER A 156 7.75 -20.01 25.08
CA SER A 156 7.79 -21.45 24.94
C SER A 156 6.40 -22.00 25.27
N TRP A 157 6.15 -23.22 24.83
CA TRP A 157 4.87 -23.88 25.06
C TRP A 157 5.07 -25.17 25.86
N ASN A 158 4.33 -25.30 26.96
CA ASN A 158 4.43 -26.44 27.86
C ASN A 158 5.86 -26.62 28.36
N SER A 159 6.46 -25.51 28.76
CA SER A 159 7.81 -25.45 29.33
C SER A 159 8.88 -25.97 28.37
N GLY A 160 8.59 -25.95 27.06
CA GLY A 160 9.54 -26.40 26.07
C GLY A 160 9.25 -27.78 25.52
N ALA A 161 8.31 -28.50 26.14
CA ALA A 161 7.95 -29.84 25.70
C ALA A 161 7.13 -29.86 24.42
N LEU A 162 6.67 -28.71 23.94
CA LEU A 162 5.81 -28.65 22.75
C LEU A 162 6.39 -27.68 21.73
N THR A 163 6.89 -28.22 20.61
CA THR A 163 7.42 -27.39 19.54
C THR A 163 6.72 -27.55 18.20
N SER A 164 6.07 -28.69 17.94
CA SER A 164 5.40 -28.88 16.65
C SER A 164 4.16 -28.00 16.55
N GLY A 165 4.04 -27.29 15.43
CA GLY A 165 2.92 -26.41 15.20
C GLY A 165 2.97 -25.08 15.92
N VAL A 166 4.08 -24.75 16.56
CA VAL A 166 4.26 -23.48 17.26
C VAL A 166 4.91 -22.50 16.29
N HIS A 167 4.28 -21.34 16.08
CA HIS A 167 4.91 -20.24 15.36
C HIS A 167 4.62 -18.92 16.08
N THR A 168 5.67 -18.16 16.35
CA THR A 168 5.56 -16.84 16.96
C THR A 168 5.74 -15.78 15.88
N PHE A 169 4.78 -14.87 15.78
CA PHE A 169 4.79 -13.84 14.75
C PHE A 169 5.72 -12.70 15.15
N PRO A 170 6.20 -11.94 14.17
CA PRO A 170 6.95 -10.72 14.51
C PRO A 170 6.06 -9.76 15.28
N ALA A 171 6.67 -9.08 16.25
CA ALA A 171 5.93 -8.12 17.06
C ALA A 171 5.52 -6.92 16.20
N VAL A 172 4.45 -6.26 16.60
CA VAL A 172 4.01 -5.06 15.91
C VAL A 172 4.21 -3.88 16.85
N LEU A 173 4.67 -2.76 16.29
CA LEU A 173 4.87 -1.53 17.06
C LEU A 173 3.60 -0.70 16.96
N GLN A 174 2.91 -0.57 18.10
CA GLN A 174 1.65 0.15 18.23
C GLN A 174 1.87 1.66 18.28
N SER A 175 0.79 2.40 18.04
CA SER A 175 0.86 3.86 18.08
C SER A 175 1.33 4.35 19.44
N SER A 176 1.00 3.61 20.50
CA SER A 176 1.48 3.93 21.85
C SER A 176 3.00 3.83 21.96
N GLY A 177 3.67 3.26 20.96
CA GLY A 177 5.09 2.98 21.07
C GLY A 177 5.42 1.70 21.81
N LEU A 178 4.42 0.87 22.07
CA LEU A 178 4.60 -0.40 22.78
C LEU A 178 4.38 -1.56 21.82
N TYR A 179 5.18 -2.60 21.99
CA TYR A 179 5.07 -3.76 21.12
C TYR A 179 3.92 -4.67 21.51
N SER A 180 3.50 -5.49 20.56
CA SER A 180 2.49 -6.51 20.78
C SER A 180 2.82 -7.68 19.87
N LEU A 181 2.64 -8.88 20.39
CA LEU A 181 3.06 -10.08 19.68
C LEU A 181 2.06 -11.19 19.96
N SER A 182 1.87 -12.07 18.98
CA SER A 182 1.04 -13.24 19.16
C SER A 182 1.88 -14.49 18.88
N SER A 183 1.68 -15.50 19.72
CA SER A 183 2.29 -16.81 19.54
C SER A 183 1.16 -17.83 19.51
N VAL A 184 1.09 -18.60 18.43
CA VAL A 184 -0.03 -19.52 18.23
C VAL A 184 0.53 -20.91 18.01
N VAL A 185 -0.34 -21.89 18.15
CA VAL A 185 0.02 -23.29 17.99
C VAL A 185 -1.08 -23.96 17.17
N THR A 186 -0.67 -24.76 16.21
CA THR A 186 -1.61 -25.56 15.44
C THR A 186 -1.62 -26.95 16.03
N VAL A 187 -2.80 -27.42 16.40
CA VAL A 187 -2.91 -28.69 17.11
C VAL A 187 -4.03 -29.50 16.46
N PRO A 188 -4.07 -30.81 16.69
CA PRO A 188 -5.24 -31.58 16.27
C PRO A 188 -6.46 -31.11 17.03
N SER A 189 -7.58 -30.98 16.30
CA SER A 189 -8.82 -30.55 16.94
C SER A 189 -9.27 -31.52 18.01
N SER A 190 -8.89 -32.80 17.90
CA SER A 190 -9.28 -33.78 18.90
C SER A 190 -8.62 -33.53 20.24
N SER A 191 -7.47 -32.83 20.27
CA SER A 191 -6.75 -32.60 21.51
C SER A 191 -7.36 -31.49 22.35
N LEU A 192 -8.25 -30.67 21.79
CA LEU A 192 -8.89 -29.62 22.58
C LEU A 192 -9.71 -30.24 23.70
N GLY A 193 -9.43 -29.79 24.93
CA GLY A 193 -10.08 -30.35 26.11
C GLY A 193 -9.42 -31.60 26.66
N THR A 194 -8.73 -32.36 25.82
CA THR A 194 -7.99 -33.54 26.24
C THR A 194 -6.48 -33.33 26.25
N GLN A 195 -6.03 -32.08 26.20
CA GLN A 195 -4.60 -31.78 26.23
C GLN A 195 -4.42 -30.39 26.81
N THR A 196 -3.46 -30.27 27.74
CA THR A 196 -3.21 -28.98 28.38
C THR A 196 -2.19 -28.20 27.58
N TYR A 197 -2.51 -26.95 27.27
CA TYR A 197 -1.61 -26.06 26.54
C TYR A 197 -1.30 -24.85 27.41
N ILE A 198 -0.03 -24.61 27.64
CA ILE A 198 0.45 -23.53 28.50
C ILE A 198 1.49 -22.76 27.71
N CYS A 199 1.36 -21.44 27.66
CA CYS A 199 2.38 -20.61 27.05
C CYS A 199 3.22 -19.96 28.14
N ASN A 200 4.53 -19.99 27.95
CA ASN A 200 5.48 -19.47 28.93
C ASN A 200 6.11 -18.23 28.32
N VAL A 201 5.81 -17.07 28.89
CA VAL A 201 6.24 -15.80 28.34
C VAL A 201 7.30 -15.21 29.26
N ASN A 202 8.38 -14.71 28.64
CA ASN A 202 9.47 -14.06 29.36
C ASN A 202 9.81 -12.73 28.71
N HIS A 203 9.87 -11.69 29.54
CA HIS A 203 10.32 -10.37 29.13
C HIS A 203 11.37 -10.00 30.17
N LYS A 204 12.65 -10.10 29.81
CA LYS A 204 13.71 -9.91 30.78
C LYS A 204 13.92 -8.45 31.17
N PRO A 205 13.75 -7.47 30.27
CA PRO A 205 13.88 -6.07 30.70
C PRO A 205 12.98 -5.68 31.87
N SER A 206 11.77 -6.22 31.94
CA SER A 206 10.85 -5.96 33.04
C SER A 206 10.81 -7.08 34.08
N ASN A 207 11.64 -8.10 33.90
CA ASN A 207 11.69 -9.26 34.80
C ASN A 207 10.31 -9.93 34.91
N THR A 208 9.62 -10.00 33.77
CA THR A 208 8.29 -10.55 33.70
C THR A 208 8.38 -12.00 33.26
N LYS A 209 7.70 -12.88 33.97
CA LYS A 209 7.65 -14.30 33.64
C LYS A 209 6.23 -14.77 33.93
N VAL A 210 5.52 -15.22 32.89
CA VAL A 210 4.12 -15.57 33.00
C VAL A 210 3.91 -16.92 32.34
N ASP A 211 3.15 -17.80 33.01
CA ASP A 211 2.71 -19.07 32.46
C ASP A 211 1.19 -19.04 32.37
N LYS A 212 0.67 -19.08 31.15
CA LYS A 212 -0.76 -18.95 30.92
C LYS A 212 -1.30 -20.27 30.36
N ARG A 213 -2.27 -20.83 31.05
CA ARG A 213 -2.99 -21.97 30.49
C ARG A 213 -4.02 -21.45 29.49
N VAL A 214 -4.07 -22.07 28.32
CA VAL A 214 -5.01 -21.66 27.29
C VAL A 214 -6.13 -22.69 27.30
N GLU A 215 -7.29 -22.28 27.76
CA GLU A 215 -8.35 -23.27 27.83
C GLU A 215 -9.38 -22.98 26.77
N PRO A 216 -9.93 -24.05 26.18
CA PRO A 216 -10.89 -23.87 25.09
C PRO A 216 -12.16 -23.20 25.55
N LYS A 217 -12.82 -22.56 24.61
CA LYS A 217 -14.15 -22.02 24.81
C LYS A 217 -15.10 -22.93 24.04
N SER A 218 -16.35 -22.94 24.47
CA SER A 218 -17.38 -23.79 23.86
C SER A 218 -18.33 -22.94 23.03
N CYS A 219 -17.84 -22.45 21.88
CA CYS A 219 -18.67 -21.71 20.94
C CYS A 219 -18.23 -21.98 19.51
N ASP B 1 28.39 7.49 -5.42
CA ASP B 1 29.30 7.52 -6.56
C ASP B 1 28.97 6.40 -7.55
N ILE B 2 29.63 5.25 -7.39
CA ILE B 2 29.39 4.08 -8.24
C ILE B 2 28.09 3.44 -7.76
N GLN B 3 27.03 3.61 -8.55
CA GLN B 3 25.76 3.02 -8.19
C GLN B 3 25.69 1.58 -8.67
N LEU B 4 24.93 0.77 -7.94
CA LEU B 4 24.71 -0.63 -8.27
C LEU B 4 23.21 -0.85 -8.42
N THR B 5 22.83 -1.50 -9.51
CA THR B 5 21.43 -1.80 -9.79
C THR B 5 21.27 -3.31 -9.83
N GLN B 6 20.43 -3.84 -8.94
CA GLN B 6 20.16 -5.27 -8.87
C GLN B 6 18.78 -5.55 -9.44
N SER B 7 18.65 -6.68 -10.12
CA SER B 7 17.40 -7.09 -10.68
C SER B 7 17.37 -8.60 -10.75
N PRO B 8 16.21 -9.22 -10.51
CA PRO B 8 15.01 -8.51 -10.05
C PRO B 8 15.08 -8.16 -8.56
N SER B 9 14.16 -7.32 -8.10
CA SER B 9 14.07 -7.05 -6.67
C SER B 9 13.52 -8.23 -5.90
N SER B 10 12.74 -9.10 -6.55
CA SER B 10 12.21 -10.30 -5.94
C SER B 10 12.29 -11.45 -6.93
N LEU B 11 12.46 -12.67 -6.41
CA LEU B 11 12.54 -13.87 -7.22
C LEU B 11 11.76 -14.98 -6.55
N SER B 12 10.90 -15.65 -7.31
CA SER B 12 10.19 -16.84 -6.87
C SER B 12 10.55 -18.00 -7.78
N ALA B 13 11.02 -19.11 -7.21
CA ALA B 13 11.39 -20.25 -8.02
C ALA B 13 11.19 -21.52 -7.21
N SER B 14 11.04 -22.63 -7.92
CA SER B 14 10.84 -23.92 -7.27
C SER B 14 12.17 -24.49 -6.84
N VAL B 15 12.14 -25.33 -5.80
CA VAL B 15 13.33 -26.06 -5.38
C VAL B 15 13.86 -26.85 -6.56
N GLY B 16 15.17 -26.76 -6.81
CA GLY B 16 15.81 -27.42 -7.93
C GLY B 16 15.98 -26.55 -9.16
N ASP B 17 15.31 -25.41 -9.23
CA ASP B 17 15.46 -24.50 -10.37
C ASP B 17 16.87 -23.92 -10.41
N ARG B 18 17.26 -23.50 -11.61
CA ARG B 18 18.43 -22.64 -11.78
C ARG B 18 17.96 -21.19 -11.70
N VAL B 19 18.64 -20.39 -10.89
CA VAL B 19 18.24 -19.02 -10.60
C VAL B 19 19.43 -18.10 -10.82
N THR B 20 19.17 -16.96 -11.48
CA THR B 20 20.17 -15.95 -11.76
C THR B 20 19.65 -14.57 -11.36
N MET B 21 20.53 -13.75 -10.81
CA MET B 21 20.24 -12.37 -10.48
C MET B 21 21.40 -11.51 -10.96
N SER B 22 21.10 -10.29 -11.36
CA SER B 22 22.07 -9.45 -12.02
C SER B 22 22.38 -8.22 -11.19
N CYS B 23 23.60 -7.71 -11.36
CA CYS B 23 24.06 -6.49 -10.70
C CYS B 23 24.84 -5.69 -11.72
N LYS B 24 24.41 -4.47 -12.00
CA LYS B 24 25.06 -3.62 -12.97
C LYS B 24 25.52 -2.34 -12.29
N SER B 25 26.78 -1.97 -12.50
CA SER B 25 27.35 -0.79 -11.89
C SER B 25 27.34 0.37 -12.87
N SER B 26 27.21 1.59 -12.31
CA SER B 26 27.22 2.79 -13.13
C SER B 26 28.58 3.03 -13.77
N GLN B 27 29.66 2.60 -13.10
CA GLN B 27 31.00 2.70 -13.64
C GLN B 27 31.67 1.34 -13.51
N SER B 28 32.78 1.17 -14.21
CA SER B 28 33.50 -0.10 -14.18
C SER B 28 34.17 -0.29 -12.83
N VAL B 29 34.10 -1.52 -12.32
CA VAL B 29 34.76 -1.89 -11.08
C VAL B 29 35.98 -2.77 -11.33
N LEU B 30 36.41 -2.88 -12.59
CA LEU B 30 37.62 -3.59 -12.95
C LEU B 30 38.82 -2.68 -12.73
N TYR B 31 39.70 -3.06 -11.81
CA TYR B 31 40.87 -2.25 -11.47
C TYR B 31 42.00 -2.53 -12.45
N SER B 32 42.63 -1.45 -12.94
CA SER B 32 43.66 -1.58 -13.96
C SER B 32 44.94 -2.24 -13.44
N ALA B 33 45.25 -2.07 -12.15
CA ALA B 33 46.55 -2.54 -11.66
C ALA B 33 46.63 -4.06 -11.60
N ASN B 34 45.56 -4.72 -11.14
CA ASN B 34 45.57 -6.16 -10.93
C ASN B 34 44.53 -6.90 -11.77
N HIS B 35 43.78 -6.20 -12.63
CA HIS B 35 42.75 -6.78 -13.50
C HIS B 35 41.71 -7.55 -12.70
N LYS B 36 41.44 -7.11 -11.48
CA LYS B 36 40.46 -7.73 -10.61
C LYS B 36 39.21 -6.88 -10.53
N ASN B 37 38.05 -7.53 -10.53
CA ASN B 37 36.76 -6.85 -10.41
C ASN B 37 36.42 -6.74 -8.94
N TYR B 38 36.24 -5.52 -8.45
CA TYR B 38 35.95 -5.30 -7.03
C TYR B 38 34.45 -5.39 -6.77
N LEU B 39 33.93 -6.61 -6.93
CA LEU B 39 32.52 -6.89 -6.71
C LEU B 39 32.35 -8.16 -5.90
N ALA B 40 31.45 -8.12 -4.92
CA ALA B 40 31.16 -9.26 -4.07
C ALA B 40 29.65 -9.48 -4.00
N TRP B 41 29.25 -10.72 -3.73
CA TRP B 41 27.87 -11.12 -3.54
C TRP B 41 27.67 -11.65 -2.12
N TYR B 42 26.56 -11.27 -1.50
CA TYR B 42 26.24 -11.69 -0.14
C TYR B 42 24.87 -12.35 -0.09
N GLN B 43 24.72 -13.26 0.87
CA GLN B 43 23.42 -13.81 1.25
C GLN B 43 23.12 -13.33 2.66
N GLN B 44 21.93 -12.79 2.87
CA GLN B 44 21.53 -12.29 4.18
C GLN B 44 20.20 -12.88 4.61
N LYS B 45 20.19 -13.50 5.79
CA LYS B 45 18.99 -14.02 6.44
C LYS B 45 18.48 -12.96 7.42
N PRO B 46 17.20 -12.98 7.78
CA PRO B 46 16.67 -11.91 8.63
C PRO B 46 17.38 -11.84 9.96
N GLY B 47 17.59 -10.62 10.45
CA GLY B 47 18.24 -10.42 11.72
C GLY B 47 19.72 -10.75 11.77
N LYS B 48 20.32 -11.16 10.66
CA LYS B 48 21.68 -11.67 10.68
C LYS B 48 22.58 -10.82 9.82
N ALA B 49 23.89 -10.97 10.02
CA ALA B 49 24.84 -10.27 9.18
C ALA B 49 24.86 -10.90 7.78
N PRO B 50 25.19 -10.12 6.76
CA PRO B 50 25.32 -10.69 5.42
C PRO B 50 26.48 -11.67 5.37
N LYS B 51 26.24 -12.79 4.70
CA LYS B 51 27.24 -13.85 4.53
C LYS B 51 27.87 -13.76 3.15
N LEU B 52 29.19 -13.72 3.10
CA LEU B 52 29.90 -13.58 1.83
C LEU B 52 29.82 -14.87 1.03
N LEU B 53 29.40 -14.75 -0.23
CA LEU B 53 29.34 -15.87 -1.16
C LEU B 53 30.44 -15.84 -2.19
N ILE B 54 30.66 -14.68 -2.82
CA ILE B 54 31.57 -14.55 -3.95
C ILE B 54 32.38 -13.27 -3.74
N TYR B 55 33.68 -13.35 -3.97
CA TYR B 55 34.53 -12.16 -3.97
C TYR B 55 35.28 -12.09 -5.28
N TRP B 56 35.70 -10.88 -5.64
CA TRP B 56 36.33 -10.60 -6.93
C TRP B 56 35.44 -11.08 -8.09
N ALA B 57 34.12 -10.91 -7.93
CA ALA B 57 33.12 -11.26 -8.93
C ALA B 57 32.95 -12.75 -9.21
N SER B 58 34.03 -13.53 -9.26
CA SER B 58 33.90 -14.94 -9.60
C SER B 58 34.53 -15.94 -8.63
N THR B 59 35.21 -15.49 -7.58
CA THR B 59 35.86 -16.42 -6.65
C THR B 59 34.91 -16.77 -5.51
N ARG B 60 34.54 -18.05 -5.42
CA ARG B 60 33.62 -18.52 -4.40
C ARG B 60 34.31 -18.63 -3.04
N GLU B 61 33.60 -18.23 -1.99
CA GLU B 61 34.09 -18.36 -0.62
C GLU B 61 34.27 -19.84 -0.25
N SER B 62 35.18 -20.07 0.70
CA SER B 62 35.65 -21.41 1.03
C SER B 62 34.51 -22.36 1.36
N GLY B 63 33.72 -22.04 2.38
CA GLY B 63 32.66 -22.94 2.84
C GLY B 63 31.38 -22.92 2.02
N VAL B 64 31.30 -22.07 1.00
CA VAL B 64 30.03 -21.86 0.27
C VAL B 64 29.77 -23.02 -0.67
N PRO B 65 28.53 -23.54 -0.72
CA PRO B 65 28.21 -24.62 -1.65
C PRO B 65 28.54 -24.27 -3.09
N SER B 66 28.98 -25.26 -3.85
CA SER B 66 29.38 -25.06 -5.23
C SER B 66 28.20 -24.71 -6.15
N ARG B 67 26.96 -24.79 -5.65
CA ARG B 67 25.82 -24.35 -6.43
C ARG B 67 25.82 -22.85 -6.67
N PHE B 68 26.50 -22.07 -5.84
CA PHE B 68 26.64 -20.64 -6.04
C PHE B 68 27.85 -20.36 -6.92
N SER B 69 27.66 -19.54 -7.95
CA SER B 69 28.76 -19.10 -8.79
C SER B 69 28.51 -17.67 -9.25
N GLY B 70 29.60 -16.95 -9.47
CA GLY B 70 29.53 -15.56 -9.90
C GLY B 70 30.23 -15.39 -11.24
N SER B 71 29.63 -14.57 -12.11
CA SER B 71 30.19 -14.33 -13.43
C SER B 71 30.12 -12.85 -13.75
N GLY B 72 30.82 -12.46 -14.83
CA GLY B 72 30.81 -11.11 -15.31
C GLY B 72 32.13 -10.39 -15.04
N SER B 73 32.26 -9.25 -15.71
CA SER B 73 33.46 -8.43 -15.60
C SER B 73 33.11 -7.02 -16.05
N GLY B 74 33.75 -6.03 -15.43
CA GLY B 74 33.52 -4.64 -15.78
C GLY B 74 32.31 -4.00 -15.11
N THR B 75 31.17 -3.99 -15.80
CA THR B 75 29.97 -3.35 -15.28
C THR B 75 28.75 -4.26 -15.17
N ASP B 76 28.81 -5.49 -15.68
CA ASP B 76 27.67 -6.41 -15.67
C ASP B 76 28.06 -7.69 -14.98
N PHE B 77 27.37 -8.03 -13.90
CA PHE B 77 27.68 -9.21 -13.11
C PHE B 77 26.42 -10.03 -12.85
N THR B 78 26.63 -11.32 -12.61
CA THR B 78 25.52 -12.24 -12.36
C THR B 78 25.90 -13.21 -11.25
N LEU B 79 24.96 -13.45 -10.34
CA LEU B 79 25.07 -14.54 -9.37
C LEU B 79 24.11 -15.64 -9.78
N THR B 80 24.62 -16.86 -9.87
CA THR B 80 23.81 -18.00 -10.30
C THR B 80 23.74 -19.02 -9.18
N ILE B 81 22.52 -19.51 -8.93
CA ILE B 81 22.30 -20.63 -8.02
C ILE B 81 21.83 -21.79 -8.88
N SER B 82 22.69 -22.80 -9.04
CA SER B 82 22.45 -23.83 -10.05
C SER B 82 21.21 -24.64 -9.75
N SER B 83 21.01 -25.02 -8.49
CA SER B 83 19.87 -25.83 -8.08
C SER B 83 19.32 -25.22 -6.79
N LEU B 84 18.23 -24.47 -6.90
CA LEU B 84 17.68 -23.78 -5.74
C LEU B 84 17.26 -24.77 -4.65
N GLN B 85 17.75 -24.53 -3.42
CA GLN B 85 17.45 -25.33 -2.24
C GLN B 85 16.60 -24.53 -1.25
N PRO B 86 15.82 -25.20 -0.40
CA PRO B 86 14.96 -24.47 0.56
C PRO B 86 15.72 -23.56 1.51
N GLU B 87 16.97 -23.87 1.85
CA GLU B 87 17.71 -23.00 2.75
C GLU B 87 18.19 -21.72 2.07
N ASP B 88 17.92 -21.55 0.77
CA ASP B 88 18.38 -20.38 0.04
C ASP B 88 17.41 -19.21 0.12
N ILE B 89 16.30 -19.35 0.85
CA ILE B 89 15.36 -18.24 1.03
C ILE B 89 16.12 -17.16 1.78
N ALA B 90 16.40 -16.05 1.11
CA ALA B 90 17.17 -14.98 1.70
C ALA B 90 17.10 -13.77 0.78
N THR B 91 17.79 -12.70 1.20
CA THR B 91 17.96 -11.52 0.38
C THR B 91 19.41 -11.45 -0.03
N TYR B 92 19.66 -11.35 -1.34
CA TYR B 92 21.01 -11.34 -1.88
C TYR B 92 21.40 -9.93 -2.29
N TYR B 93 22.63 -9.54 -1.94
CA TYR B 93 23.15 -8.20 -2.18
C TYR B 93 24.45 -8.29 -2.96
N CYS B 94 24.61 -7.40 -3.94
CA CYS B 94 25.93 -7.17 -4.52
C CYS B 94 26.57 -5.95 -3.88
N HIS B 95 27.90 -5.95 -3.89
CA HIS B 95 28.68 -4.96 -3.16
C HIS B 95 29.95 -4.67 -3.94
N GLN B 96 30.15 -3.42 -4.31
CA GLN B 96 31.37 -2.99 -5.00
C GLN B 96 32.25 -2.25 -4.00
N TYR B 97 33.52 -2.64 -3.95
CA TYR B 97 34.50 -2.04 -3.05
C TYR B 97 35.69 -1.42 -3.79
N LEU B 98 35.54 -1.16 -5.10
CA LEU B 98 36.59 -0.46 -5.85
C LEU B 98 36.76 0.95 -5.31
N SER B 99 35.67 1.71 -5.29
CA SER B 99 35.65 3.04 -4.70
C SER B 99 34.93 2.91 -3.36
N SER B 100 34.53 4.04 -2.77
CA SER B 100 33.84 3.97 -1.48
C SER B 100 32.60 3.08 -1.61
N TRP B 101 32.44 2.17 -0.64
CA TRP B 101 31.46 1.09 -0.66
C TRP B 101 30.04 1.52 -1.04
N THR B 102 29.45 0.76 -1.97
CA THR B 102 28.06 0.90 -2.37
C THR B 102 27.47 -0.48 -2.55
N PHE B 103 26.15 -0.59 -2.36
CA PHE B 103 25.46 -1.87 -2.42
C PHE B 103 24.32 -1.82 -3.41
N GLY B 104 24.02 -2.97 -4.01
CA GLY B 104 22.78 -3.13 -4.74
C GLY B 104 21.58 -3.10 -3.82
N GLY B 105 20.41 -2.92 -4.43
CA GLY B 105 19.19 -2.84 -3.62
C GLY B 105 18.68 -4.14 -3.07
N GLY B 106 19.24 -5.26 -3.52
CA GLY B 106 18.89 -6.56 -2.98
C GLY B 106 17.94 -7.31 -3.88
N THR B 107 18.03 -8.64 -3.81
CA THR B 107 17.09 -9.54 -4.49
C THR B 107 16.51 -10.47 -3.43
N LYS B 108 15.21 -10.31 -3.15
CA LYS B 108 14.55 -11.15 -2.17
C LYS B 108 14.10 -12.43 -2.86
N LEU B 109 14.63 -13.57 -2.44
CA LEU B 109 14.33 -14.85 -3.06
C LEU B 109 13.40 -15.65 -2.17
N GLU B 110 12.31 -16.16 -2.76
CA GLU B 110 11.35 -17.01 -2.08
C GLU B 110 11.15 -18.28 -2.90
N ILE B 111 10.64 -19.31 -2.24
CA ILE B 111 10.33 -20.57 -2.89
C ILE B 111 8.93 -20.50 -3.49
N LYS B 112 8.80 -20.94 -4.73
CA LYS B 112 7.51 -21.03 -5.40
C LYS B 112 6.88 -22.40 -5.13
N ARG B 113 5.58 -22.39 -4.84
CA ARG B 113 4.88 -23.63 -4.55
C ARG B 113 3.43 -23.52 -5.00
N THR B 114 2.74 -24.64 -4.94
CA THR B 114 1.33 -24.67 -5.31
C THR B 114 0.55 -23.67 -4.47
N VAL B 115 -0.41 -22.99 -5.09
CA VAL B 115 -1.23 -22.04 -4.35
C VAL B 115 -1.94 -22.76 -3.21
N ALA B 116 -1.94 -22.13 -2.04
CA ALA B 116 -2.59 -22.69 -0.87
C ALA B 116 -3.39 -21.58 -0.21
N ALA B 117 -4.70 -21.81 -0.08
CA ALA B 117 -5.56 -20.86 0.59
C ALA B 117 -5.30 -20.88 2.09
N PRO B 118 -5.43 -19.75 2.76
CA PRO B 118 -5.24 -19.73 4.22
C PRO B 118 -6.43 -20.36 4.92
N SER B 119 -6.12 -21.14 5.96
CA SER B 119 -7.13 -21.44 6.96
C SER B 119 -7.32 -20.19 7.80
N VAL B 120 -8.57 -19.79 7.99
CA VAL B 120 -8.90 -18.53 8.65
C VAL B 120 -9.47 -18.86 10.02
N PHE B 121 -8.88 -18.28 11.05
CA PHE B 121 -9.35 -18.44 12.42
C PHE B 121 -9.53 -17.07 13.05
N ILE B 122 -10.45 -16.98 14.00
CA ILE B 122 -10.71 -15.74 14.73
C ILE B 122 -10.80 -16.06 16.22
N PHE B 123 -10.30 -15.15 17.04
CA PHE B 123 -10.26 -15.29 18.48
C PHE B 123 -10.94 -14.09 19.12
N PRO B 124 -11.99 -14.30 19.92
CA PRO B 124 -12.60 -13.19 20.64
C PRO B 124 -11.70 -12.72 21.77
N PRO B 125 -11.90 -11.50 22.28
CA PRO B 125 -11.09 -11.04 23.40
C PRO B 125 -11.32 -11.93 24.63
N SER B 126 -10.29 -12.02 25.45
CA SER B 126 -10.34 -12.83 26.67
C SER B 126 -11.04 -12.07 27.79
N ASP B 127 -11.52 -12.84 28.78
CA ASP B 127 -12.07 -12.21 29.97
C ASP B 127 -11.02 -11.37 30.69
N GLU B 128 -9.76 -11.80 30.68
CA GLU B 128 -8.72 -11.06 31.39
C GLU B 128 -8.48 -9.69 30.78
N GLN B 129 -8.41 -9.60 29.45
CA GLN B 129 -8.23 -8.29 28.82
C GLN B 129 -9.45 -7.40 29.04
N LEU B 130 -10.65 -7.97 28.93
CA LEU B 130 -11.88 -7.18 29.12
C LEU B 130 -11.93 -6.59 30.54
N LYS B 131 -11.59 -7.39 31.55
CA LYS B 131 -11.49 -6.87 32.91
C LYS B 131 -10.57 -5.66 32.97
N SER B 132 -9.54 -5.63 32.13
CA SER B 132 -8.59 -4.53 32.08
C SER B 132 -9.12 -3.30 31.38
N GLY B 133 -10.18 -3.43 30.59
CA GLY B 133 -10.80 -2.29 29.95
C GLY B 133 -10.57 -2.16 28.45
N THR B 134 -10.01 -3.18 27.80
CA THR B 134 -9.76 -3.15 26.37
C THR B 134 -10.14 -4.49 25.78
N ALA B 135 -10.36 -4.51 24.46
CA ALA B 135 -10.78 -5.70 23.74
C ALA B 135 -9.97 -5.81 22.46
N SER B 136 -9.18 -6.87 22.34
CA SER B 136 -8.45 -7.16 21.11
C SER B 136 -9.01 -8.42 20.47
N VAL B 137 -9.36 -8.32 19.18
CA VAL B 137 -9.79 -9.46 18.39
C VAL B 137 -8.66 -9.84 17.45
N VAL B 138 -8.32 -11.12 17.41
CA VAL B 138 -7.20 -11.61 16.61
C VAL B 138 -7.76 -12.48 15.48
N CYS B 139 -7.35 -12.18 14.25
CA CYS B 139 -7.64 -12.98 13.06
C CYS B 139 -6.34 -13.62 12.61
N LEU B 140 -6.37 -14.93 12.37
CA LEU B 140 -5.19 -15.70 12.02
C LEU B 140 -5.35 -16.31 10.64
N LEU B 141 -4.35 -16.11 9.77
CA LEU B 141 -4.30 -16.69 8.43
C LEU B 141 -3.13 -17.66 8.43
N ASN B 142 -3.43 -18.95 8.31
CA ASN B 142 -2.44 -20.01 8.50
C ASN B 142 -2.04 -20.66 7.17
N ASN B 143 -0.72 -20.76 6.94
CA ASN B 143 -0.13 -21.59 5.89
C ASN B 143 -0.70 -21.35 4.49
N PHE B 144 -0.60 -20.11 4.03
CA PHE B 144 -1.04 -19.75 2.69
C PHE B 144 0.14 -19.43 1.78
N TYR B 145 -0.11 -19.54 0.47
CA TYR B 145 0.85 -19.13 -0.57
C TYR B 145 0.04 -18.71 -1.79
N PRO B 146 0.38 -17.58 -2.43
CA PRO B 146 1.53 -16.72 -2.15
C PRO B 146 1.32 -15.76 -0.98
N ARG B 147 2.29 -14.88 -0.74
CA ARG B 147 2.29 -14.06 0.46
C ARG B 147 1.20 -12.98 0.42
N GLU B 148 0.77 -12.58 -0.77
CA GLU B 148 -0.18 -11.47 -0.87
C GLU B 148 -1.56 -11.88 -0.39
N ALA B 149 -2.04 -11.23 0.66
CA ALA B 149 -3.35 -11.48 1.23
C ALA B 149 -3.90 -10.16 1.78
N LYS B 150 -5.23 -10.08 1.84
CA LYS B 150 -5.91 -8.89 2.33
C LYS B 150 -6.81 -9.29 3.48
N VAL B 151 -6.68 -8.58 4.59
CA VAL B 151 -7.48 -8.79 5.79
C VAL B 151 -8.20 -7.48 6.07
N GLN B 152 -9.51 -7.50 6.05
CA GLN B 152 -10.31 -6.34 6.41
C GLN B 152 -11.15 -6.68 7.63
N TRP B 153 -11.16 -5.80 8.62
CA TRP B 153 -11.97 -5.98 9.80
C TRP B 153 -13.29 -5.24 9.62
N LYS B 154 -14.39 -5.88 10.00
CA LYS B 154 -15.70 -5.26 9.92
C LYS B 154 -16.45 -5.41 11.23
N VAL B 155 -16.89 -4.29 11.79
CA VAL B 155 -17.70 -4.29 13.01
C VAL B 155 -19.11 -3.84 12.62
N ASP B 156 -20.08 -4.76 12.72
CA ASP B 156 -21.47 -4.53 12.29
C ASP B 156 -21.50 -4.10 10.82
N ASN B 157 -20.70 -4.75 9.99
CA ASN B 157 -20.53 -4.51 8.55
C ASN B 157 -19.86 -3.18 8.26
N ALA B 158 -19.33 -2.48 9.25
CA ALA B 158 -18.60 -1.24 9.02
C ALA B 158 -17.13 -1.59 8.89
N LEU B 159 -16.50 -1.19 7.78
CA LEU B 159 -15.08 -1.47 7.60
C LEU B 159 -14.26 -0.66 8.59
N GLN B 160 -13.27 -1.30 9.21
CA GLN B 160 -12.46 -0.64 10.23
C GLN B 160 -11.15 -0.10 9.65
N SER B 161 -10.77 1.09 10.09
CA SER B 161 -9.54 1.73 9.66
C SER B 161 -8.83 2.37 10.84
N GLY B 162 -7.52 2.14 10.94
CA GLY B 162 -6.68 2.78 11.94
C GLY B 162 -6.67 2.14 13.32
N ASN B 163 -7.35 1.01 13.52
CA ASN B 163 -7.39 0.35 14.82
C ASN B 163 -6.82 -1.07 14.78
N SER B 164 -6.32 -1.52 13.61
CA SER B 164 -5.77 -2.87 13.52
C SER B 164 -4.32 -2.81 13.06
N GLN B 165 -3.60 -3.91 13.33
CA GLN B 165 -2.21 -4.10 12.90
C GLN B 165 -1.91 -5.58 12.66
N GLU B 166 -1.16 -5.85 11.60
CA GLU B 166 -0.84 -7.21 11.21
C GLU B 166 0.67 -7.40 11.08
N SER B 167 1.08 -8.67 11.17
CA SER B 167 2.46 -9.08 10.92
C SER B 167 2.43 -10.45 10.25
N VAL B 168 3.43 -10.70 9.40
CA VAL B 168 3.52 -11.93 8.61
C VAL B 168 4.83 -12.63 8.92
N THR B 169 4.78 -13.96 9.07
CA THR B 169 5.98 -14.73 9.33
C THR B 169 6.86 -14.81 8.09
N GLU B 170 8.13 -15.12 8.30
CA GLU B 170 9.01 -15.51 7.20
C GLU B 170 8.52 -16.82 6.60
N GLN B 171 8.79 -17.00 5.31
CA GLN B 171 8.35 -18.20 4.62
C GLN B 171 8.88 -19.46 5.30
N ASP B 172 7.98 -20.41 5.53
CA ASP B 172 8.33 -21.62 6.28
C ASP B 172 9.29 -22.49 5.47
N SER B 173 10.30 -23.02 6.15
CA SER B 173 11.34 -23.78 5.45
C SER B 173 10.88 -25.17 5.04
N LYS B 174 9.77 -25.66 5.57
CA LYS B 174 9.32 -27.01 5.26
C LYS B 174 8.24 -27.04 4.18
N ASP B 175 7.21 -26.20 4.30
CA ASP B 175 6.12 -26.21 3.33
C ASP B 175 6.03 -24.91 2.52
N SER B 176 6.97 -23.97 2.72
CA SER B 176 7.09 -22.78 1.88
C SER B 176 5.86 -21.88 1.93
N THR B 177 5.15 -21.89 3.05
CA THR B 177 3.96 -21.06 3.23
C THR B 177 4.26 -19.90 4.17
N TYR B 178 3.33 -18.94 4.17
CA TYR B 178 3.35 -17.81 5.10
C TYR B 178 2.16 -17.91 6.03
N SER B 179 2.29 -17.27 7.19
CA SER B 179 1.17 -17.09 8.10
C SER B 179 1.10 -15.63 8.52
N LEU B 180 -0.11 -15.17 8.81
CA LEU B 180 -0.35 -13.77 9.12
C LEU B 180 -1.26 -13.69 10.33
N SER B 181 -0.99 -12.71 11.18
CA SER B 181 -1.76 -12.47 12.40
C SER B 181 -2.12 -11.00 12.46
N SER B 182 -3.41 -10.72 12.68
CA SER B 182 -3.92 -9.35 12.69
C SER B 182 -4.72 -9.12 13.96
N THR B 183 -4.44 -8.01 14.64
CA THR B 183 -5.11 -7.64 15.89
C THR B 183 -5.91 -6.36 15.70
N LEU B 184 -7.22 -6.45 15.91
CA LEU B 184 -8.11 -5.30 15.99
C LEU B 184 -8.33 -4.96 17.45
N THR B 185 -8.08 -3.72 17.84
CA THR B 185 -8.14 -3.32 19.25
C THR B 185 -9.14 -2.18 19.42
N LEU B 186 -10.10 -2.37 20.33
CA LEU B 186 -11.08 -1.36 20.67
C LEU B 186 -11.09 -1.17 22.19
N SER B 187 -11.58 -0.02 22.63
CA SER B 187 -11.86 0.13 24.05
C SER B 187 -13.04 -0.76 24.43
N LYS B 188 -13.09 -1.16 25.70
CA LYS B 188 -14.13 -2.07 26.14
C LYS B 188 -15.53 -1.49 25.92
N ALA B 189 -15.71 -0.19 26.17
CA ALA B 189 -17.02 0.42 25.94
C ALA B 189 -17.38 0.40 24.46
N ASP B 190 -16.41 0.65 23.58
CA ASP B 190 -16.69 0.61 22.14
C ASP B 190 -16.97 -0.82 21.69
N TYR B 191 -16.27 -1.79 22.29
CA TYR B 191 -16.51 -3.20 21.95
C TYR B 191 -17.94 -3.59 22.30
N GLU B 192 -18.41 -3.15 23.47
CA GLU B 192 -19.76 -3.48 23.96
C GLU B 192 -20.85 -2.71 23.23
N LYS B 193 -20.46 -1.88 22.27
CA LYS B 193 -21.41 -1.08 21.49
C LYS B 193 -21.88 -1.80 20.22
N HIS B 194 -21.28 -2.92 19.87
CA HIS B 194 -21.56 -3.62 18.63
C HIS B 194 -21.69 -5.12 18.85
N LYS B 195 -22.29 -5.77 17.86
CA LYS B 195 -22.62 -7.19 17.92
C LYS B 195 -21.69 -8.09 17.09
N VAL B 196 -21.51 -7.79 15.81
CA VAL B 196 -20.84 -8.69 14.88
C VAL B 196 -19.40 -8.23 14.70
N TYR B 197 -18.46 -9.13 14.94
CA TYR B 197 -17.03 -8.89 14.71
C TYR B 197 -16.51 -9.92 13.71
N ALA B 198 -15.98 -9.44 12.60
CA ALA B 198 -15.61 -10.31 11.50
C ALA B 198 -14.34 -9.80 10.83
N CYS B 199 -13.52 -10.74 10.36
CA CYS B 199 -12.37 -10.46 9.50
C CYS B 199 -12.61 -11.11 8.15
N GLU B 200 -12.57 -10.29 7.10
CA GLU B 200 -12.79 -10.73 5.72
C GLU B 200 -11.44 -10.92 5.04
N VAL B 201 -11.22 -12.12 4.50
CA VAL B 201 -9.91 -12.52 3.99
C VAL B 201 -10.00 -12.75 2.48
N THR B 202 -9.15 -12.07 1.73
CA THR B 202 -9.05 -12.21 0.29
C THR B 202 -7.68 -12.79 -0.05
N HIS B 203 -7.65 -13.80 -0.91
CA HIS B 203 -6.40 -14.46 -1.27
C HIS B 203 -6.62 -15.16 -2.61
N GLN B 204 -5.54 -15.29 -3.38
CA GLN B 204 -5.61 -15.95 -4.68
C GLN B 204 -6.15 -17.38 -4.57
N GLY B 205 -5.90 -18.05 -3.45
CA GLY B 205 -6.39 -19.41 -3.29
C GLY B 205 -7.84 -19.52 -2.90
N LEU B 206 -8.51 -18.39 -2.68
CA LEU B 206 -9.92 -18.32 -2.35
C LEU B 206 -10.72 -17.87 -3.57
N SER B 207 -11.67 -18.71 -4.01
CA SER B 207 -12.55 -18.34 -5.11
C SER B 207 -13.37 -17.09 -4.77
N SER B 208 -13.72 -16.93 -3.51
CA SER B 208 -14.42 -15.76 -3.02
C SER B 208 -13.88 -15.45 -1.60
N PRO B 209 -14.00 -14.18 -1.20
CA PRO B 209 -13.51 -13.83 0.15
C PRO B 209 -14.20 -14.63 1.24
N VAL B 210 -13.41 -15.06 2.22
CA VAL B 210 -13.93 -15.81 3.35
C VAL B 210 -14.07 -14.86 4.53
N THR B 211 -15.14 -15.03 5.29
CA THR B 211 -15.39 -14.26 6.50
C THR B 211 -15.39 -15.18 7.71
N LYS B 212 -14.59 -14.85 8.72
CA LYS B 212 -14.67 -15.48 10.03
C LYS B 212 -15.28 -14.46 10.97
N SER B 213 -16.32 -14.86 11.69
CA SER B 213 -17.11 -13.92 12.44
C SER B 213 -17.60 -14.54 13.74
N PHE B 214 -17.94 -13.67 14.69
CA PHE B 214 -18.57 -14.09 15.92
C PHE B 214 -19.43 -12.94 16.41
N ASN B 215 -20.32 -13.23 17.35
CA ASN B 215 -21.14 -12.20 17.98
C ASN B 215 -20.65 -11.99 19.39
N ARG B 216 -20.64 -10.74 19.84
CA ARG B 216 -20.21 -10.44 21.20
C ARG B 216 -21.15 -11.12 22.19
N GLY B 217 -20.57 -11.83 23.15
CA GLY B 217 -21.36 -12.52 24.15
C GLY B 217 -21.53 -14.00 23.91
N GLU B 218 -21.22 -14.48 22.69
CA GLU B 218 -21.48 -15.86 22.31
C GLU B 218 -20.36 -16.79 22.76
N CYS B 219 -19.17 -16.27 23.06
CA CYS B 219 -18.05 -17.13 23.46
C CYS B 219 -17.61 -16.83 24.89
N GLN C 3 -0.17 20.01 -27.61
CA GLN C 3 -1.04 18.89 -27.25
C GLN C 3 -0.24 17.57 -27.24
N LEU C 4 -0.59 16.67 -26.32
CA LEU C 4 0.05 15.36 -26.20
C LEU C 4 -1.00 14.27 -26.39
N VAL C 5 -0.76 13.34 -27.32
CA VAL C 5 -1.72 12.28 -27.63
C VAL C 5 -1.15 10.96 -27.16
N GLN C 6 -1.80 10.35 -26.18
CA GLN C 6 -1.40 9.05 -25.66
C GLN C 6 -2.30 7.95 -26.21
N SER C 7 -1.78 6.73 -26.23
CA SER C 7 -2.52 5.59 -26.73
C SER C 7 -3.61 5.19 -25.74
N GLY C 8 -4.48 4.27 -26.17
CA GLY C 8 -5.69 3.97 -25.43
C GLY C 8 -5.48 3.04 -24.26
N ALA C 9 -6.54 2.89 -23.46
CA ALA C 9 -6.53 2.05 -22.28
C ALA C 9 -6.08 0.63 -22.61
N GLU C 10 -5.38 0.02 -21.65
CA GLU C 10 -4.83 -1.32 -21.81
C GLU C 10 -5.31 -2.21 -20.68
N VAL C 11 -5.67 -3.45 -21.03
CA VAL C 11 -6.08 -4.45 -20.05
C VAL C 11 -5.20 -5.67 -20.29
N LYS C 12 -4.41 -6.05 -19.30
CA LYS C 12 -3.38 -7.07 -19.46
C LYS C 12 -3.44 -8.07 -18.31
N LYS C 13 -3.09 -9.32 -18.62
CA LYS C 13 -2.94 -10.34 -17.60
C LYS C 13 -1.56 -10.22 -16.96
N PRO C 14 -1.41 -10.61 -15.69
CA PRO C 14 -0.10 -10.54 -15.05
C PRO C 14 0.94 -11.38 -15.77
N GLY C 15 2.17 -10.89 -15.75
CA GLY C 15 3.28 -11.53 -16.43
C GLY C 15 3.49 -11.08 -17.85
N SER C 16 2.49 -10.45 -18.47
CA SER C 16 2.63 -9.93 -19.83
C SER C 16 3.35 -8.58 -19.81
N SER C 17 3.61 -8.05 -21.00
CA SER C 17 4.22 -6.74 -21.17
C SER C 17 3.29 -5.85 -21.99
N VAL C 18 3.48 -4.54 -21.88
CA VAL C 18 2.67 -3.58 -22.61
C VAL C 18 3.52 -2.37 -23.02
N LYS C 19 3.21 -1.82 -24.19
CA LYS C 19 3.92 -0.68 -24.75
C LYS C 19 2.92 0.46 -24.98
N VAL C 20 3.08 1.55 -24.25
CA VAL C 20 2.18 2.70 -24.38
C VAL C 20 2.88 3.80 -25.17
N SER C 21 2.08 4.58 -25.90
CA SER C 21 2.57 5.56 -26.87
C SER C 21 2.23 6.98 -26.43
N CYS C 22 3.07 7.92 -26.86
CA CYS C 22 2.89 9.36 -26.58
C CYS C 22 3.39 10.18 -27.77
N LYS C 23 2.47 10.74 -28.55
CA LYS C 23 2.80 11.58 -29.71
C LYS C 23 2.61 13.07 -29.40
N ALA C 24 3.61 13.87 -29.76
CA ALA C 24 3.60 15.32 -29.57
C ALA C 24 3.44 16.05 -30.90
N SER C 25 2.67 17.12 -30.92
CA SER C 25 2.51 17.88 -32.17
C SER C 25 2.58 19.38 -31.95
N THR C 28 9.83 21.99 -31.16
CA THR C 28 9.90 22.65 -32.46
C THR C 28 11.31 22.58 -33.00
N PHE C 29 11.93 23.74 -33.21
CA PHE C 29 13.34 23.83 -33.58
C PHE C 29 14.22 23.98 -32.35
N THR C 30 13.65 23.79 -31.16
CA THR C 30 14.39 23.87 -29.89
C THR C 30 14.35 22.56 -29.10
N SER C 31 14.81 22.58 -27.86
CA SER C 31 14.87 21.37 -27.04
C SER C 31 13.54 21.05 -26.38
N TYR C 32 13.24 19.75 -26.29
CA TYR C 32 12.03 19.27 -25.62
C TYR C 32 12.33 17.89 -25.05
N TRP C 33 11.72 17.58 -23.90
CA TRP C 33 11.88 16.28 -23.26
C TRP C 33 10.52 15.68 -22.98
N LEU C 34 10.42 14.36 -23.12
CA LEU C 34 9.20 13.62 -22.82
C LEU C 34 9.42 12.76 -21.59
N HIS C 35 8.65 13.01 -20.54
CA HIS C 35 8.74 12.27 -19.29
C HIS C 35 7.54 11.34 -19.17
N TRP C 36 7.72 10.29 -18.36
CA TRP C 36 6.61 9.40 -18.01
C TRP C 36 6.43 9.40 -16.50
N VAL C 37 5.16 9.41 -16.08
CA VAL C 37 4.80 9.52 -14.67
C VAL C 37 3.67 8.54 -14.38
N ARG C 38 3.76 7.86 -13.24
CA ARG C 38 2.77 6.88 -12.85
C ARG C 38 1.94 7.42 -11.69
N GLN C 39 0.66 7.04 -11.66
CA GLN C 39 -0.22 7.37 -10.54
C GLN C 39 -1.10 6.16 -10.26
N ALA C 40 -0.79 5.46 -9.17
CA ALA C 40 -1.61 4.34 -8.74
C ALA C 40 -2.96 4.86 -8.25
N PRO C 41 -4.00 4.02 -8.29
CA PRO C 41 -5.35 4.49 -7.89
C PRO C 41 -5.34 5.03 -6.48
N GLY C 42 -5.88 6.23 -6.31
CA GLY C 42 -5.94 6.89 -5.01
C GLY C 42 -4.61 7.36 -4.47
N GLN C 43 -3.55 7.32 -5.27
CA GLN C 43 -2.22 7.69 -4.80
C GLN C 43 -1.70 8.92 -5.55
N GLY C 44 -0.45 9.28 -5.26
CA GLY C 44 0.16 10.46 -5.82
C GLY C 44 0.95 10.16 -7.08
N LEU C 45 1.73 11.15 -7.50
CA LEU C 45 2.48 11.08 -8.75
C LEU C 45 3.88 10.53 -8.49
N GLU C 46 4.29 9.58 -9.34
CA GLU C 46 5.61 8.96 -9.23
C GLU C 46 6.31 9.06 -10.58
N TRP C 47 7.45 9.72 -10.60
CA TRP C 47 8.22 9.87 -11.83
C TRP C 47 8.89 8.56 -12.23
N ILE C 48 8.75 8.19 -13.50
CA ILE C 48 9.33 6.96 -14.04
C ILE C 48 10.68 7.22 -14.73
N GLY C 49 10.70 8.18 -15.65
CA GLY C 49 11.91 8.49 -16.39
C GLY C 49 11.58 9.43 -17.53
N TYR C 50 12.60 9.72 -18.34
CA TYR C 50 12.39 10.59 -19.49
C TYR C 50 13.37 10.27 -20.60
N ILE C 51 13.07 10.78 -21.79
CA ILE C 51 13.91 10.61 -22.98
C ILE C 51 13.97 11.93 -23.75
N ASN C 52 15.16 12.25 -24.26
CA ASN C 52 15.35 13.29 -25.26
C ASN C 52 15.29 12.63 -26.64
N PRO C 53 14.20 12.76 -27.39
CA PRO C 53 14.09 12.04 -28.67
C PRO C 53 15.09 12.48 -29.72
N ARG C 54 15.77 13.61 -29.51
CA ARG C 54 16.72 14.11 -30.49
C ARG C 54 18.06 13.37 -30.43
N ASN C 55 18.53 13.05 -29.23
CA ASN C 55 19.81 12.37 -29.08
C ASN C 55 19.68 11.04 -28.34
N ASP C 56 18.46 10.57 -28.09
CA ASP C 56 18.17 9.28 -27.48
C ASP C 56 18.72 9.15 -26.06
N TYR C 57 19.04 10.26 -25.39
CA TYR C 57 19.40 10.16 -23.98
C TYR C 57 18.19 9.72 -23.18
N THR C 58 18.39 8.75 -22.30
CA THR C 58 17.32 8.24 -21.48
C THR C 58 17.80 8.16 -20.03
N GLU C 59 16.91 8.49 -19.10
CA GLU C 59 17.20 8.40 -17.69
C GLU C 59 15.97 7.88 -16.95
N TYR C 60 16.21 7.10 -15.90
CA TYR C 60 15.14 6.40 -15.19
C TYR C 60 15.19 6.68 -13.71
N ASN C 61 14.00 6.75 -13.10
CA ASN C 61 13.88 6.53 -11.67
C ASN C 61 14.48 5.18 -11.33
N GLN C 62 15.35 5.15 -10.33
CA GLN C 62 16.02 3.91 -9.96
C GLN C 62 15.04 2.77 -9.74
N ASN C 63 13.88 3.07 -9.15
CA ASN C 63 12.90 2.05 -8.80
C ASN C 63 12.19 1.44 -10.01
N PHE C 64 12.35 2.02 -11.20
CA PHE C 64 11.69 1.52 -12.41
C PHE C 64 12.67 0.97 -13.44
N LYS C 65 13.95 0.81 -13.09
CA LYS C 65 14.95 0.49 -14.12
C LYS C 65 14.70 -0.87 -14.77
N ASP C 66 14.38 -1.89 -13.98
CA ASP C 66 14.07 -3.20 -14.57
C ASP C 66 12.56 -3.38 -14.75
N LYS C 67 11.82 -2.27 -14.73
CA LYS C 67 10.37 -2.29 -14.94
C LYS C 67 9.96 -1.63 -16.25
N ALA C 68 10.54 -0.47 -16.59
CA ALA C 68 10.13 0.32 -17.73
C ALA C 68 11.29 0.49 -18.71
N THR C 69 10.96 0.53 -20.00
CA THR C 69 11.93 0.81 -21.07
C THR C 69 11.34 1.92 -21.93
N ILE C 70 12.01 3.07 -21.96
CA ILE C 70 11.55 4.23 -22.72
C ILE C 70 12.34 4.35 -24.01
N THR C 71 11.63 4.46 -25.13
CA THR C 71 12.22 4.68 -26.45
C THR C 71 11.48 5.81 -27.13
N ALA C 72 11.99 6.25 -28.27
CA ALA C 72 11.38 7.36 -29.00
C ALA C 72 11.61 7.18 -30.50
N ASP C 73 10.82 7.90 -31.29
CA ASP C 73 10.95 7.90 -32.75
C ASP C 73 10.98 9.36 -33.18
N GLU C 74 12.17 9.82 -33.57
CA GLU C 74 12.35 11.21 -33.99
C GLU C 74 11.47 11.53 -35.21
N SER C 75 11.42 10.62 -36.17
CA SER C 75 10.65 10.87 -37.39
C SER C 75 9.16 10.94 -37.13
N THR C 76 8.67 10.36 -36.02
CA THR C 76 7.28 10.34 -35.65
C THR C 76 6.96 11.23 -34.44
N ASN C 77 7.99 11.88 -33.87
CA ASN C 77 7.94 12.71 -32.65
C ASN C 77 7.18 11.97 -31.54
N THR C 78 7.51 10.69 -31.38
CA THR C 78 6.73 9.83 -30.50
C THR C 78 7.64 9.17 -29.49
N ALA C 79 7.18 9.13 -28.24
CA ALA C 79 7.86 8.39 -27.19
C ALA C 79 7.07 7.14 -26.87
N TYR C 80 7.78 6.11 -26.42
CA TYR C 80 7.17 4.84 -26.07
C TYR C 80 7.67 4.43 -24.70
N MET C 81 6.80 3.80 -23.91
CA MET C 81 7.18 3.22 -22.63
C MET C 81 6.66 1.80 -22.58
N GLU C 82 7.57 0.85 -22.38
CA GLU C 82 7.20 -0.55 -22.28
C GLU C 82 7.34 -0.98 -20.84
N LEU C 83 6.32 -1.63 -20.31
CA LEU C 83 6.33 -2.13 -18.95
C LEU C 83 6.45 -3.66 -19.00
N SER C 84 7.43 -4.19 -18.29
CA SER C 84 7.73 -5.61 -18.30
C SER C 84 7.16 -6.30 -17.07
N SER C 85 6.84 -7.58 -17.22
CA SER C 85 6.42 -8.46 -16.12
C SER C 85 5.33 -7.80 -15.28
N LEU C 86 4.22 -7.49 -15.94
CA LEU C 86 3.14 -6.74 -15.31
C LEU C 86 2.59 -7.46 -14.09
N ARG C 87 2.29 -6.67 -13.05
CA ARG C 87 1.72 -7.16 -11.80
C ARG C 87 0.52 -6.29 -11.45
N SER C 88 -0.26 -6.74 -10.47
CA SER C 88 -1.39 -5.94 -10.01
C SER C 88 -0.92 -4.57 -9.56
N GLU C 89 0.28 -4.49 -8.99
CA GLU C 89 0.83 -3.23 -8.52
C GLU C 89 1.13 -2.26 -9.66
N ASP C 90 1.09 -2.72 -10.92
CA ASP C 90 1.27 -1.85 -12.07
C ASP C 90 -0.02 -1.23 -12.56
N THR C 91 -1.15 -1.58 -11.96
CA THR C 91 -2.43 -0.99 -12.31
C THR C 91 -2.40 0.48 -11.96
N ALA C 92 -2.32 1.35 -12.96
CA ALA C 92 -2.20 2.76 -12.67
C ALA C 92 -2.53 3.60 -13.89
N PHE C 93 -2.53 4.90 -13.66
CA PHE C 93 -2.64 5.89 -14.73
C PHE C 93 -1.21 6.21 -15.12
N TYR C 94 -0.92 6.23 -16.42
CA TYR C 94 0.42 6.56 -16.86
C TYR C 94 0.32 7.82 -17.70
N PHE C 95 1.02 8.87 -17.26
CA PHE C 95 0.98 10.15 -17.94
C PHE C 95 2.31 10.39 -18.64
N CYS C 96 2.19 10.91 -19.85
CA CYS C 96 3.29 11.49 -20.60
C CYS C 96 3.26 12.99 -20.35
N ALA C 97 4.43 13.60 -20.31
CA ALA C 97 4.49 15.04 -20.07
C ALA C 97 5.65 15.58 -20.88
N ARG C 98 5.42 16.67 -21.60
CA ARG C 98 6.47 17.25 -22.39
C ARG C 98 6.97 18.47 -21.66
N ARG C 99 8.28 18.64 -21.67
CA ARG C 99 8.96 19.73 -21.00
C ARG C 99 9.73 20.54 -22.02
N ASP C 100 9.50 21.85 -22.05
CA ASP C 100 10.31 22.73 -22.89
C ASP C 100 11.14 23.61 -21.96
N ILE C 101 11.68 24.69 -22.52
CA ILE C 101 12.54 25.59 -21.76
C ILE C 101 11.87 26.09 -20.48
N THR C 102 10.58 26.45 -20.52
CA THR C 102 9.94 26.98 -19.33
C THR C 102 8.72 26.22 -18.79
N THR C 103 7.97 25.48 -19.60
CA THR C 103 6.68 24.97 -19.14
C THR C 103 6.56 23.46 -19.34
N PHE C 104 5.43 22.92 -18.86
CA PHE C 104 5.13 21.51 -18.96
C PHE C 104 3.83 21.31 -19.73
N TYR C 105 3.75 20.23 -20.50
CA TYR C 105 2.53 19.87 -21.22
C TYR C 105 2.25 18.41 -20.88
N TRP C 106 1.11 18.14 -20.26
CA TRP C 106 0.79 16.77 -19.86
C TRP C 106 -0.28 16.18 -20.78
N GLY C 107 -0.11 14.91 -21.14
CA GLY C 107 -1.12 14.17 -21.85
C GLY C 107 -2.30 13.80 -20.99
N GLN C 108 -3.34 13.28 -21.64
CA GLN C 108 -4.55 12.90 -20.92
C GLN C 108 -4.34 11.64 -20.09
N GLY C 109 -3.26 10.90 -20.32
CA GLY C 109 -3.04 9.71 -19.52
C GLY C 109 -3.48 8.45 -20.22
N THR C 110 -2.84 7.34 -19.87
CA THR C 110 -3.19 6.01 -20.33
C THR C 110 -3.30 5.10 -19.12
N THR C 111 -4.47 4.50 -18.95
CA THR C 111 -4.67 3.54 -17.88
C THR C 111 -4.19 2.15 -18.32
N VAL C 112 -3.48 1.48 -17.42
CA VAL C 112 -3.09 0.09 -17.60
C VAL C 112 -3.65 -0.68 -16.41
N THR C 113 -4.48 -1.69 -16.68
CA THR C 113 -5.10 -2.51 -15.65
C THR C 113 -4.58 -3.94 -15.77
N VAL C 114 -3.97 -4.44 -14.70
CA VAL C 114 -3.39 -5.78 -14.65
C VAL C 114 -4.21 -6.61 -13.67
N SER C 115 -4.75 -7.74 -14.14
CA SER C 115 -5.58 -8.58 -13.29
C SER C 115 -5.63 -9.99 -13.84
N SER C 116 -5.80 -10.97 -12.94
CA SER C 116 -6.00 -12.36 -13.36
C SER C 116 -7.43 -12.63 -13.81
N ALA C 117 -8.37 -11.79 -13.40
CA ALA C 117 -9.78 -11.96 -13.70
C ALA C 117 -10.03 -11.82 -15.21
N SER C 118 -11.23 -12.20 -15.64
CA SER C 118 -11.54 -12.19 -17.05
C SER C 118 -12.45 -11.02 -17.41
N THR C 119 -12.30 -10.55 -18.65
CA THR C 119 -13.10 -9.43 -19.14
C THR C 119 -14.55 -9.85 -19.35
N LYS C 120 -15.49 -9.01 -18.94
CA LYS C 120 -16.90 -9.35 -19.04
C LYS C 120 -17.76 -8.09 -19.10
N GLY C 121 -18.73 -8.09 -20.00
CA GLY C 121 -19.65 -7.00 -20.18
C GLY C 121 -20.73 -6.99 -19.12
N PRO C 122 -21.34 -5.83 -18.87
CA PRO C 122 -22.29 -5.72 -17.76
C PRO C 122 -23.73 -6.02 -18.15
N SER C 123 -24.52 -6.33 -17.13
CA SER C 123 -25.97 -6.36 -17.25
C SER C 123 -26.53 -5.00 -16.85
N VAL C 124 -27.52 -4.52 -17.59
CA VAL C 124 -28.11 -3.21 -17.36
C VAL C 124 -29.59 -3.39 -17.02
N PHE C 125 -29.94 -3.07 -15.78
CA PHE C 125 -31.31 -3.16 -15.31
C PHE C 125 -31.85 -1.78 -14.98
N PRO C 126 -33.14 -1.55 -15.23
CA PRO C 126 -33.73 -0.24 -14.94
C PRO C 126 -33.95 -0.04 -13.45
N LEU C 127 -33.84 1.23 -13.04
CA LEU C 127 -34.26 1.68 -11.72
C LEU C 127 -35.52 2.51 -11.95
N ALA C 128 -36.66 1.84 -11.90
CA ALA C 128 -37.91 2.42 -12.36
C ALA C 128 -38.43 3.47 -11.39
N PRO C 129 -38.94 4.60 -11.90
CA PRO C 129 -39.56 5.57 -11.00
C PRO C 129 -40.90 5.04 -10.52
N SER C 130 -41.23 5.38 -9.28
CA SER C 130 -42.49 4.95 -8.69
C SER C 130 -42.80 5.91 -7.54
N SER C 131 -43.87 5.62 -6.80
CA SER C 131 -44.16 6.41 -5.61
C SER C 131 -43.02 6.34 -4.60
N LYS C 132 -42.24 5.24 -4.63
CA LYS C 132 -41.14 5.09 -3.71
C LYS C 132 -39.94 5.95 -4.09
N SER C 133 -39.88 6.43 -5.33
CA SER C 133 -38.81 7.31 -5.77
C SER C 133 -39.35 8.66 -6.22
N THR C 134 -40.44 9.11 -5.58
CA THR C 134 -41.07 10.39 -5.87
C THR C 134 -41.20 11.20 -4.58
N SER C 135 -40.85 12.48 -4.65
CA SER C 135 -40.96 13.38 -3.51
C SER C 135 -41.29 14.79 -3.99
N GLY C 136 -42.41 15.34 -3.53
CA GLY C 136 -42.79 16.70 -3.92
C GLY C 136 -42.93 16.92 -5.41
N GLY C 137 -43.52 15.95 -6.10
CA GLY C 137 -43.72 16.07 -7.54
C GLY C 137 -42.48 15.90 -8.38
N THR C 138 -41.41 15.37 -7.81
CA THR C 138 -40.18 15.10 -8.54
C THR C 138 -39.85 13.63 -8.37
N ALA C 139 -39.51 12.97 -9.47
CA ALA C 139 -39.23 11.54 -9.44
C ALA C 139 -37.78 11.28 -9.79
N ALA C 140 -37.23 10.24 -9.18
CA ALA C 140 -35.89 9.76 -9.47
C ALA C 140 -35.97 8.43 -10.19
N LEU C 141 -35.12 8.26 -11.19
CA LEU C 141 -35.03 7.02 -11.95
C LEU C 141 -33.57 6.81 -12.31
N GLY C 142 -33.25 5.61 -12.79
CA GLY C 142 -31.88 5.36 -13.14
C GLY C 142 -31.67 3.98 -13.74
N CYS C 143 -30.40 3.61 -13.86
CA CYS C 143 -29.98 2.33 -14.40
C CYS C 143 -28.92 1.70 -13.50
N LEU C 144 -29.07 0.41 -13.27
CA LEU C 144 -28.06 -0.38 -12.56
C LEU C 144 -27.20 -1.14 -13.57
N VAL C 145 -25.90 -0.84 -13.58
CA VAL C 145 -24.93 -1.44 -14.50
C VAL C 145 -24.11 -2.43 -13.68
N LYS C 146 -24.44 -3.72 -13.77
CA LYS C 146 -23.93 -4.75 -12.88
C LYS C 146 -23.02 -5.79 -13.52
N ASP C 147 -22.15 -6.34 -12.67
CA ASP C 147 -21.29 -7.51 -12.94
C ASP C 147 -20.43 -7.40 -14.20
N TYR C 148 -19.55 -6.41 -14.21
CA TYR C 148 -18.57 -6.24 -15.27
C TYR C 148 -17.17 -6.18 -14.69
N PHE C 149 -16.18 -6.39 -15.56
CA PHE C 149 -14.78 -6.30 -15.14
C PHE C 149 -13.93 -6.07 -16.35
N PRO C 150 -12.88 -5.21 -16.28
CA PRO C 150 -12.65 -4.31 -15.15
C PRO C 150 -13.34 -2.97 -15.35
N GLU C 151 -12.89 -1.95 -14.63
CA GLU C 151 -13.29 -0.58 -14.86
C GLU C 151 -12.64 -0.11 -16.17
N PRO C 152 -13.23 0.89 -16.85
CA PRO C 152 -14.41 1.71 -16.54
C PRO C 152 -15.62 1.44 -17.42
N VAL C 153 -16.77 1.97 -17.01
CA VAL C 153 -17.97 2.01 -17.84
C VAL C 153 -18.37 3.47 -18.02
N THR C 154 -18.96 3.78 -19.17
CA THR C 154 -19.49 5.11 -19.44
C THR C 154 -20.99 5.03 -19.66
N VAL C 155 -21.72 6.00 -19.09
CA VAL C 155 -23.18 6.02 -19.11
C VAL C 155 -23.65 7.38 -19.63
N SER C 156 -24.55 7.36 -20.60
CA SER C 156 -25.27 8.55 -21.02
C SER C 156 -26.77 8.32 -20.86
N TRP C 157 -27.51 9.42 -20.85
CA TRP C 157 -28.97 9.38 -20.82
C TRP C 157 -29.47 10.08 -22.08
N ASN C 158 -30.27 9.36 -22.87
CA ASN C 158 -30.79 9.88 -24.13
C ASN C 158 -29.67 10.31 -25.06
N SER C 159 -28.60 9.52 -25.09
CA SER C 159 -27.45 9.75 -25.98
C SER C 159 -26.83 11.13 -25.77
N GLY C 160 -26.97 11.69 -24.56
CA GLY C 160 -26.37 12.96 -24.22
C GLY C 160 -27.32 14.13 -24.12
N ALA C 161 -28.57 13.98 -24.55
CA ALA C 161 -29.54 15.07 -24.49
C ALA C 161 -30.04 15.36 -23.09
N LEU C 162 -29.72 14.52 -22.11
CA LEU C 162 -30.18 14.69 -20.72
C LEU C 162 -28.96 14.68 -19.81
N THR C 163 -28.57 15.85 -19.29
CA THR C 163 -27.44 15.97 -18.40
C THR C 163 -27.79 16.56 -17.04
N SER C 164 -28.85 17.35 -16.94
CA SER C 164 -29.20 18.00 -15.68
C SER C 164 -29.71 17.00 -14.68
N GLY C 165 -29.18 17.05 -13.46
CA GLY C 165 -29.63 16.15 -12.42
C GLY C 165 -29.13 14.72 -12.55
N VAL C 166 -28.16 14.46 -13.42
CA VAL C 166 -27.65 13.12 -13.64
C VAL C 166 -26.50 12.88 -12.66
N HIS C 167 -26.55 11.76 -11.96
CA HIS C 167 -25.46 11.32 -11.10
C HIS C 167 -25.08 9.91 -11.52
N THR C 168 -23.85 9.74 -11.97
CA THR C 168 -23.29 8.43 -12.26
C THR C 168 -22.25 8.18 -11.17
N PHE C 169 -22.47 7.15 -10.37
CA PHE C 169 -21.63 6.91 -9.21
C PHE C 169 -20.37 6.13 -9.59
N PRO C 170 -19.30 6.28 -8.81
CA PRO C 170 -18.14 5.40 -8.99
C PRO C 170 -18.52 3.95 -8.69
N ALA C 171 -17.94 3.04 -9.45
CA ALA C 171 -18.21 1.61 -9.25
C ALA C 171 -17.63 1.13 -7.93
N VAL C 172 -18.26 0.11 -7.37
CA VAL C 172 -17.85 -0.54 -6.14
C VAL C 172 -17.46 -1.98 -6.46
N LEU C 173 -16.46 -2.52 -5.76
CA LEU C 173 -15.97 -3.87 -6.00
C LEU C 173 -16.82 -4.87 -5.22
N GLN C 174 -17.57 -5.73 -5.93
CA GLN C 174 -18.34 -6.74 -5.23
C GLN C 174 -17.46 -7.90 -4.78
N SER C 175 -18.03 -8.69 -3.87
CA SER C 175 -17.35 -9.88 -3.35
C SER C 175 -16.95 -10.84 -4.47
N SER C 176 -17.76 -10.94 -5.52
CA SER C 176 -17.41 -11.77 -6.67
C SER C 176 -16.19 -11.27 -7.44
N GLY C 177 -15.73 -10.06 -7.18
CA GLY C 177 -14.69 -9.45 -7.98
C GLY C 177 -15.15 -8.81 -9.28
N LEU C 178 -16.46 -8.58 -9.43
CA LEU C 178 -17.02 -7.90 -10.59
C LEU C 178 -17.57 -6.54 -10.14
N TYR C 179 -17.34 -5.50 -10.93
CA TYR C 179 -17.79 -4.18 -10.53
C TYR C 179 -19.29 -3.98 -10.81
N SER C 180 -19.85 -2.99 -10.14
CA SER C 180 -21.25 -2.62 -10.32
C SER C 180 -21.39 -1.12 -10.11
N LEU C 181 -22.27 -0.51 -10.89
CA LEU C 181 -22.42 0.95 -10.93
C LEU C 181 -23.88 1.31 -11.16
N SER C 182 -24.30 2.43 -10.57
CA SER C 182 -25.64 2.97 -10.77
C SER C 182 -25.55 4.39 -11.30
N SER C 183 -26.44 4.73 -12.23
CA SER C 183 -26.59 6.09 -12.74
C SER C 183 -28.04 6.50 -12.58
N VAL C 184 -28.28 7.63 -11.89
CA VAL C 184 -29.62 8.08 -11.54
C VAL C 184 -29.81 9.52 -12.05
N VAL C 185 -31.07 9.89 -12.21
CA VAL C 185 -31.44 11.25 -12.61
C VAL C 185 -32.83 11.57 -12.05
N THR C 186 -33.01 12.81 -11.60
CA THR C 186 -34.30 13.30 -11.11
C THR C 186 -35.03 14.13 -12.17
N VAL C 187 -36.32 13.83 -12.37
CA VAL C 187 -37.14 14.44 -13.42
C VAL C 187 -38.49 14.86 -12.80
N PRO C 188 -39.23 15.71 -13.55
CA PRO C 188 -40.60 16.03 -13.10
C PRO C 188 -41.52 14.82 -13.10
N SER C 189 -42.37 14.76 -12.07
CA SER C 189 -43.31 13.64 -11.93
C SER C 189 -44.33 13.60 -13.06
N SER C 190 -44.75 14.75 -13.58
CA SER C 190 -45.75 14.78 -14.64
C SER C 190 -45.23 14.29 -15.97
N SER C 191 -43.92 14.35 -16.20
CA SER C 191 -43.38 13.96 -17.50
C SER C 191 -43.34 12.45 -17.69
N LEU C 192 -43.43 11.68 -16.62
CA LEU C 192 -43.49 10.23 -16.72
C LEU C 192 -44.77 9.83 -17.44
N GLY C 193 -44.65 8.95 -18.42
CA GLY C 193 -45.75 8.63 -19.30
C GLY C 193 -45.80 9.49 -20.54
N THR C 194 -45.16 10.66 -20.52
CA THR C 194 -45.04 11.54 -21.66
C THR C 194 -43.64 11.52 -22.26
N GLN C 195 -42.60 11.64 -21.42
CA GLN C 195 -41.22 11.66 -21.89
C GLN C 195 -40.57 10.31 -21.58
N THR C 196 -39.93 9.74 -22.60
CA THR C 196 -39.26 8.45 -22.50
C THR C 196 -37.81 8.66 -22.12
N TYR C 197 -37.34 7.88 -21.14
CA TYR C 197 -35.98 7.99 -20.61
C TYR C 197 -35.20 6.72 -20.88
N ILE C 198 -34.04 6.87 -21.53
CA ILE C 198 -33.17 5.76 -21.91
C ILE C 198 -31.75 6.05 -21.42
N CYS C 199 -31.12 5.05 -20.79
CA CYS C 199 -29.73 5.12 -20.41
C CYS C 199 -28.89 4.34 -21.42
N ASN C 200 -27.75 4.92 -21.81
CA ASN C 200 -26.86 4.34 -22.81
C ASN C 200 -25.55 3.94 -22.17
N VAL C 201 -25.26 2.64 -22.14
CA VAL C 201 -24.11 2.07 -21.45
C VAL C 201 -23.12 1.54 -22.48
N ASN C 202 -21.83 1.82 -22.26
CA ASN C 202 -20.76 1.35 -23.13
C ASN C 202 -19.65 0.78 -22.25
N HIS C 203 -19.17 -0.41 -22.57
CA HIS C 203 -18.06 -1.03 -21.83
C HIS C 203 -16.97 -1.44 -22.82
N LYS C 204 -15.88 -0.69 -22.80
CA LYS C 204 -14.81 -0.76 -23.79
C LYS C 204 -13.94 -2.03 -23.68
N PRO C 205 -13.63 -2.55 -22.48
CA PRO C 205 -12.87 -3.82 -22.45
C PRO C 205 -13.54 -4.94 -23.22
N SER C 206 -14.87 -4.98 -23.22
CA SER C 206 -15.62 -5.90 -24.05
C SER C 206 -16.16 -5.12 -25.25
N ASN C 207 -17.01 -5.77 -26.06
CA ASN C 207 -17.73 -5.10 -27.13
C ASN C 207 -19.15 -4.79 -26.70
N THR C 208 -19.33 -4.43 -25.43
CA THR C 208 -20.67 -4.35 -24.84
C THR C 208 -21.22 -2.93 -24.93
N LYS C 209 -22.44 -2.83 -25.44
CA LYS C 209 -23.15 -1.57 -25.65
C LYS C 209 -24.62 -1.82 -25.41
N VAL C 210 -25.22 -1.15 -24.43
CA VAL C 210 -26.60 -1.38 -24.04
C VAL C 210 -27.35 -0.06 -23.96
N ASP C 211 -28.55 -0.02 -24.52
CA ASP C 211 -29.47 1.10 -24.36
C ASP C 211 -30.75 0.56 -23.74
N LYS C 212 -31.04 0.95 -22.50
CA LYS C 212 -32.16 0.43 -21.75
C LYS C 212 -33.20 1.51 -21.51
N ARG C 213 -34.44 1.21 -21.89
CA ARG C 213 -35.57 2.10 -21.62
C ARG C 213 -36.03 1.89 -20.18
N VAL C 214 -36.20 2.99 -19.44
CA VAL C 214 -36.61 2.98 -18.04
C VAL C 214 -38.06 3.46 -17.95
N GLU C 215 -38.96 2.55 -17.57
CA GLU C 215 -40.39 2.85 -17.51
C GLU C 215 -40.91 2.88 -16.07
N PRO C 216 -41.87 3.75 -15.74
CA PRO C 216 -42.40 3.78 -14.37
C PRO C 216 -43.07 2.46 -14.01
N LYS C 217 -43.17 2.20 -12.70
CA LYS C 217 -43.63 0.90 -12.22
C LYS C 217 -45.06 0.87 -11.71
N SER C 218 -45.70 2.03 -11.52
CA SER C 218 -47.08 2.11 -11.05
C SER C 218 -47.28 1.36 -9.73
N CYS C 219 -46.59 1.82 -8.70
CA CYS C 219 -46.79 1.34 -7.34
C CYS C 219 -46.43 2.46 -6.38
N ASP D 1 15.90 12.53 -4.83
CA ASP D 1 16.36 12.65 -3.45
C ASP D 1 15.67 13.82 -2.75
N ILE D 2 15.35 14.86 -3.52
CA ILE D 2 14.68 16.04 -2.97
C ILE D 2 13.21 15.70 -2.73
N GLN D 3 12.84 15.51 -1.48
CA GLN D 3 11.45 15.20 -1.12
C GLN D 3 10.64 16.47 -0.91
N LEU D 4 9.33 16.35 -1.18
CA LEU D 4 8.40 17.46 -1.03
C LEU D 4 7.28 17.05 -0.09
N THR D 5 7.00 17.89 0.91
CA THR D 5 5.94 17.65 1.88
C THR D 5 4.90 18.76 1.81
N GLN D 6 3.65 18.37 1.61
CA GLN D 6 2.55 19.30 1.47
C GLN D 6 1.67 19.29 2.71
N SER D 7 1.14 20.47 3.07
CA SER D 7 0.27 20.61 4.23
C SER D 7 -0.72 21.74 4.00
N PRO D 8 -1.98 21.61 4.47
CA PRO D 8 -2.51 20.41 5.13
C PRO D 8 -2.76 19.28 4.13
N SER D 9 -3.04 18.07 4.62
CA SER D 9 -3.41 17.00 3.69
C SER D 9 -4.78 17.25 3.09
N SER D 10 -5.69 17.85 3.86
CA SER D 10 -7.00 18.23 3.35
C SER D 10 -7.46 19.50 4.06
N LEU D 11 -8.21 20.32 3.34
CA LEU D 11 -8.80 21.53 3.91
C LEU D 11 -10.16 21.78 3.26
N SER D 12 -11.11 22.23 4.06
CA SER D 12 -12.42 22.63 3.57
C SER D 12 -12.61 24.13 3.79
N ALA D 13 -13.05 24.82 2.75
CA ALA D 13 -13.22 26.26 2.78
C ALA D 13 -14.43 26.66 1.94
N SER D 14 -14.99 27.83 2.27
CA SER D 14 -16.19 28.33 1.62
C SER D 14 -15.87 29.06 0.32
N VAL D 15 -16.85 29.07 -0.58
CA VAL D 15 -16.74 29.83 -1.81
C VAL D 15 -16.47 31.30 -1.50
N GLY D 16 -15.49 31.88 -2.18
CA GLY D 16 -15.07 33.23 -1.94
C GLY D 16 -13.95 33.39 -0.95
N ASP D 17 -13.66 32.35 -0.16
CA ASP D 17 -12.58 32.41 0.79
C ASP D 17 -11.23 32.48 0.06
N ARG D 18 -10.24 33.02 0.75
CA ARG D 18 -8.86 32.91 0.33
C ARG D 18 -8.26 31.66 0.96
N VAL D 19 -7.57 30.86 0.15
CA VAL D 19 -7.06 29.57 0.57
C VAL D 19 -5.56 29.52 0.30
N THR D 20 -4.81 28.99 1.24
CA THR D 20 -3.36 28.84 1.08
C THR D 20 -2.97 27.42 1.43
N MET D 21 -2.07 26.86 0.62
CA MET D 21 -1.51 25.53 0.79
C MET D 21 -0.01 25.64 0.67
N SER D 22 0.71 24.84 1.44
CA SER D 22 2.16 24.98 1.52
C SER D 22 2.87 23.72 1.02
N CYS D 23 4.07 23.92 0.50
CA CYS D 23 4.92 22.85 0.00
C CYS D 23 6.33 23.11 0.50
N LYS D 24 6.90 22.16 1.25
CA LYS D 24 8.22 22.31 1.82
C LYS D 24 9.14 21.20 1.31
N SER D 25 10.30 21.58 0.80
CA SER D 25 11.25 20.65 0.22
C SER D 25 12.37 20.34 1.21
N SER D 26 12.90 19.12 1.10
CA SER D 26 14.01 18.71 1.96
C SER D 26 15.28 19.48 1.64
N GLN D 27 15.46 19.85 0.38
CA GLN D 27 16.60 20.65 -0.04
C GLN D 27 16.09 21.81 -0.91
N SER D 28 16.95 22.82 -1.08
CA SER D 28 16.54 23.99 -1.83
C SER D 28 16.43 23.70 -3.32
N VAL D 29 15.40 24.27 -3.94
CA VAL D 29 15.19 24.15 -5.38
C VAL D 29 15.52 25.46 -6.08
N LEU D 30 16.17 26.38 -5.38
CA LEU D 30 16.64 27.62 -5.99
C LEU D 30 17.95 27.32 -6.71
N TYR D 31 17.95 27.48 -8.02
CA TYR D 31 19.13 27.19 -8.81
C TYR D 31 20.09 28.37 -8.75
N SER D 32 21.36 28.09 -8.46
CA SER D 32 22.33 29.16 -8.29
C SER D 32 22.60 29.88 -9.61
N ALA D 33 22.46 29.19 -10.73
CA ALA D 33 22.84 29.77 -12.02
C ALA D 33 21.89 30.89 -12.43
N ASN D 34 20.59 30.70 -12.24
CA ASN D 34 19.62 31.69 -12.68
C ASN D 34 18.75 32.24 -11.56
N HIS D 35 18.95 31.83 -10.31
CA HIS D 35 18.17 32.32 -9.19
C HIS D 35 16.67 32.07 -9.38
N LYS D 36 16.33 30.98 -10.08
CA LYS D 36 14.95 30.58 -10.28
C LYS D 36 14.64 29.36 -9.43
N ASN D 37 13.43 29.32 -8.86
CA ASN D 37 12.97 28.18 -8.07
C ASN D 37 12.30 27.18 -9.01
N TYR D 38 12.84 25.96 -9.04
CA TYR D 38 12.33 24.91 -9.92
C TYR D 38 11.19 24.18 -9.21
N LEU D 39 10.08 24.91 -9.08
CA LEU D 39 8.89 24.38 -8.42
C LEU D 39 7.67 24.71 -9.26
N ALA D 40 6.78 23.75 -9.40
CA ALA D 40 5.53 23.92 -10.14
C ALA D 40 4.35 23.48 -9.29
N TRP D 41 3.19 24.07 -9.57
CA TRP D 41 1.95 23.71 -8.91
C TRP D 41 0.96 23.15 -9.91
N TYR D 42 0.29 22.07 -9.52
CA TYR D 42 -0.69 21.41 -10.37
C TYR D 42 -2.03 21.30 -9.65
N GLN D 43 -3.11 21.30 -10.44
CA GLN D 43 -4.44 20.99 -9.98
C GLN D 43 -4.91 19.73 -10.69
N GLN D 44 -5.43 18.77 -9.94
CA GLN D 44 -5.90 17.53 -10.54
C GLN D 44 -7.32 17.23 -10.08
N LYS D 45 -8.22 17.04 -11.03
CA LYS D 45 -9.58 16.61 -10.75
C LYS D 45 -9.67 15.09 -10.84
N PRO D 46 -10.69 14.51 -10.20
CA PRO D 46 -10.65 13.07 -9.86
C PRO D 46 -10.37 12.11 -11.00
N GLY D 47 -10.84 12.37 -12.22
CA GLY D 47 -10.60 11.45 -13.30
C GLY D 47 -9.57 11.86 -14.33
N LYS D 48 -8.90 12.99 -14.16
CA LYS D 48 -8.14 13.60 -15.23
C LYS D 48 -6.68 13.79 -14.86
N ALA D 49 -5.89 14.16 -15.86
CA ALA D 49 -4.49 14.47 -15.71
C ALA D 49 -4.29 15.77 -14.93
N PRO D 50 -3.14 15.93 -14.26
CA PRO D 50 -2.87 17.19 -13.56
C PRO D 50 -2.76 18.36 -14.54
N LYS D 51 -3.36 19.48 -14.18
CA LYS D 51 -3.30 20.69 -14.99
C LYS D 51 -2.32 21.66 -14.36
N LEU D 52 -1.38 22.16 -15.16
CA LEU D 52 -0.35 23.06 -14.66
C LEU D 52 -0.94 24.43 -14.33
N LEU D 53 -0.65 24.91 -13.12
CA LEU D 53 -1.08 26.23 -12.71
C LEU D 53 0.05 27.24 -12.69
N ILE D 54 1.17 26.88 -12.07
CA ILE D 54 2.30 27.78 -11.86
C ILE D 54 3.61 27.03 -12.05
N TYR D 55 4.55 27.68 -12.72
CA TYR D 55 5.93 27.23 -12.86
C TYR D 55 6.87 28.34 -12.40
N TRP D 56 8.12 27.96 -12.12
CA TRP D 56 9.10 28.85 -11.49
C TRP D 56 8.55 29.42 -10.18
N ALA D 57 7.78 28.59 -9.46
CA ALA D 57 7.19 28.97 -8.18
C ALA D 57 6.12 30.06 -8.25
N SER D 58 6.31 31.09 -9.09
CA SER D 58 5.37 32.21 -9.13
C SER D 58 4.83 32.59 -10.51
N THR D 59 5.29 31.97 -11.59
CA THR D 59 4.83 32.34 -12.92
C THR D 59 3.59 31.52 -13.27
N ARG D 60 2.47 32.22 -13.45
CA ARG D 60 1.22 31.55 -13.81
C ARG D 60 1.26 31.13 -15.26
N GLU D 61 0.84 29.90 -15.54
CA GLU D 61 0.76 29.43 -16.91
C GLU D 61 -0.32 30.17 -17.68
N SER D 62 -0.10 30.31 -18.99
CA SER D 62 -1.04 31.04 -19.82
C SER D 62 -2.42 30.44 -19.72
N GLY D 63 -3.44 31.30 -19.66
CA GLY D 63 -4.81 30.87 -19.55
C GLY D 63 -5.26 30.46 -18.17
N VAL D 64 -4.38 30.41 -17.18
CA VAL D 64 -4.77 30.02 -15.83
C VAL D 64 -5.42 31.24 -15.16
N PRO D 65 -6.57 31.07 -14.50
CA PRO D 65 -7.20 32.22 -13.83
C PRO D 65 -6.27 32.86 -12.82
N SER D 66 -6.31 34.20 -12.76
CA SER D 66 -5.40 34.93 -11.90
C SER D 66 -5.71 34.77 -10.41
N ARG D 67 -6.81 34.10 -10.04
CA ARG D 67 -7.05 33.82 -8.64
C ARG D 67 -6.02 32.85 -8.06
N PHE D 68 -5.33 32.10 -8.92
CA PHE D 68 -4.24 31.23 -8.50
C PHE D 68 -2.94 32.02 -8.52
N SER D 69 -2.18 31.95 -7.43
CA SER D 69 -0.87 32.58 -7.37
C SER D 69 0.07 31.74 -6.52
N GLY D 70 1.36 31.81 -6.85
CA GLY D 70 2.39 31.07 -6.14
C GLY D 70 3.40 32.01 -5.55
N SER D 71 3.84 31.71 -4.33
CA SER D 71 4.80 32.51 -3.60
C SER D 71 5.81 31.60 -2.92
N GLY D 72 6.88 32.19 -2.41
CA GLY D 72 7.89 31.45 -1.69
C GLY D 72 9.19 31.33 -2.46
N SER D 73 10.21 30.86 -1.76
CA SER D 73 11.53 30.72 -2.34
C SER D 73 12.35 29.76 -1.50
N GLY D 74 13.25 29.04 -2.15
CA GLY D 74 14.16 28.15 -1.48
C GLY D 74 13.58 26.78 -1.15
N THR D 75 13.07 26.64 0.08
CA THR D 75 12.53 25.37 0.53
C THR D 75 11.09 25.46 1.00
N ASP D 76 10.51 26.66 1.09
CA ASP D 76 9.14 26.83 1.58
C ASP D 76 8.34 27.61 0.55
N PHE D 77 7.28 26.98 0.04
CA PHE D 77 6.45 27.57 -1.01
C PHE D 77 4.98 27.48 -0.63
N THR D 78 4.17 28.35 -1.22
CA THR D 78 2.74 28.36 -0.97
C THR D 78 1.97 28.62 -2.26
N LEU D 79 0.85 27.90 -2.40
CA LEU D 79 -0.13 28.15 -3.44
C LEU D 79 -1.36 28.81 -2.82
N THR D 80 -1.77 29.93 -3.40
CA THR D 80 -2.89 30.70 -2.88
C THR D 80 -4.01 30.81 -3.92
N ILE D 81 -5.25 30.62 -3.46
CA ILE D 81 -6.45 30.87 -4.24
C ILE D 81 -7.15 32.07 -3.62
N SER D 82 -7.19 33.19 -4.35
CA SER D 82 -7.64 34.45 -3.76
C SER D 82 -9.12 34.40 -3.38
N SER D 83 -9.95 33.86 -4.26
CA SER D 83 -11.40 33.75 -4.03
C SER D 83 -11.82 32.37 -4.51
N LEU D 84 -12.02 31.45 -3.57
CA LEU D 84 -12.33 30.08 -3.89
C LEU D 84 -13.60 29.97 -4.72
N GLN D 85 -13.52 29.23 -5.81
CA GLN D 85 -14.67 29.03 -6.66
C GLN D 85 -15.21 27.63 -6.45
N PRO D 86 -16.51 27.39 -6.66
CA PRO D 86 -17.06 26.04 -6.42
C PRO D 86 -16.38 24.95 -7.24
N GLU D 87 -15.93 25.26 -8.45
CA GLU D 87 -15.27 24.26 -9.30
C GLU D 87 -13.82 23.99 -8.90
N ASP D 88 -13.30 24.63 -7.85
CA ASP D 88 -11.90 24.45 -7.48
C ASP D 88 -11.65 23.20 -6.65
N ILE D 89 -12.67 22.36 -6.49
CA ILE D 89 -12.53 21.07 -5.79
C ILE D 89 -11.54 20.23 -6.53
N ALA D 90 -10.40 19.93 -5.90
CA ALA D 90 -9.37 19.14 -6.55
C ALA D 90 -8.33 18.73 -5.52
N THR D 91 -7.33 18.01 -6.00
CA THR D 91 -6.12 17.69 -5.23
C THR D 91 -5.00 18.49 -5.88
N TYR D 92 -4.30 19.29 -5.09
CA TYR D 92 -3.25 20.16 -5.61
C TYR D 92 -1.89 19.58 -5.28
N TYR D 93 -1.00 19.58 -6.26
CA TYR D 93 0.32 18.98 -6.14
C TYR D 93 1.38 20.02 -6.44
N CYS D 94 2.42 20.04 -5.62
CA CYS D 94 3.65 20.75 -5.97
C CYS D 94 4.64 19.78 -6.59
N HIS D 95 5.53 20.33 -7.40
CA HIS D 95 6.40 19.54 -8.26
C HIS D 95 7.77 20.20 -8.34
N GLN D 96 8.80 19.44 -7.98
CA GLN D 96 10.18 19.90 -8.01
C GLN D 96 10.86 19.28 -9.23
N TYR D 97 11.50 20.11 -10.05
CA TYR D 97 12.22 19.63 -11.23
C TYR D 97 13.68 20.06 -11.27
N LEU D 98 14.28 20.47 -10.16
CA LEU D 98 15.70 20.80 -10.18
C LEU D 98 16.55 19.55 -10.42
N SER D 99 16.49 18.57 -9.52
CA SER D 99 17.21 17.31 -9.67
C SER D 99 16.16 16.21 -9.88
N SER D 100 15.93 15.87 -11.15
CA SER D 100 14.90 14.90 -11.54
C SER D 100 13.54 15.41 -11.08
N TRP D 101 12.52 14.54 -11.08
CA TRP D 101 11.16 14.93 -10.76
C TRP D 101 10.68 14.22 -9.50
N THR D 102 10.18 14.99 -8.54
CA THR D 102 9.55 14.48 -7.34
C THR D 102 8.33 15.33 -7.07
N PHE D 103 7.33 14.73 -6.43
CA PHE D 103 6.05 15.38 -6.19
C PHE D 103 5.70 15.31 -4.70
N GLY D 104 4.99 16.32 -4.23
CA GLY D 104 4.36 16.25 -2.93
C GLY D 104 3.21 15.26 -2.91
N GLY D 105 2.79 14.92 -1.69
CA GLY D 105 1.69 13.99 -1.54
C GLY D 105 0.32 14.55 -1.86
N GLY D 106 0.21 15.86 -2.03
CA GLY D 106 -1.04 16.47 -2.45
C GLY D 106 -1.81 17.09 -1.31
N THR D 107 -2.62 18.09 -1.66
CA THR D 107 -3.55 18.72 -0.73
C THR D 107 -4.96 18.61 -1.33
N LYS D 108 -5.81 17.82 -0.67
CA LYS D 108 -7.19 17.61 -1.11
C LYS D 108 -8.07 18.73 -0.58
N LEU D 109 -8.66 19.49 -1.50
CA LEU D 109 -9.49 20.64 -1.15
C LEU D 109 -10.97 20.31 -1.35
N GLU D 110 -11.79 20.66 -0.36
CA GLU D 110 -13.23 20.50 -0.42
C GLU D 110 -13.89 21.85 -0.19
N ILE D 111 -15.10 22.02 -0.73
CA ILE D 111 -15.88 23.23 -0.51
C ILE D 111 -16.70 23.08 0.75
N LYS D 112 -16.66 24.09 1.62
CA LYS D 112 -17.46 24.12 2.82
C LYS D 112 -18.75 24.89 2.52
N ARG D 113 -19.89 24.33 2.92
CA ARG D 113 -21.18 24.94 2.60
C ARG D 113 -22.20 24.61 3.69
N THR D 114 -23.38 25.23 3.59
CA THR D 114 -24.46 24.98 4.52
C THR D 114 -24.88 23.50 4.49
N VAL D 115 -25.32 23.03 5.67
CA VAL D 115 -25.82 21.67 5.82
C VAL D 115 -27.01 21.45 4.89
N ALA D 116 -27.06 20.28 4.24
CA ALA D 116 -28.18 19.93 3.38
C ALA D 116 -28.58 18.48 3.64
N ALA D 117 -29.85 18.26 3.99
CA ALA D 117 -30.31 16.89 4.19
C ALA D 117 -30.46 16.18 2.84
N PRO D 118 -30.18 14.89 2.78
CA PRO D 118 -30.37 14.16 1.51
C PRO D 118 -31.83 13.85 1.24
N SER D 119 -32.23 14.01 -0.03
CA SER D 119 -33.45 13.39 -0.50
C SER D 119 -33.23 11.90 -0.67
N VAL D 120 -34.16 11.09 -0.15
CA VAL D 120 -34.01 9.65 -0.13
C VAL D 120 -35.02 9.02 -1.08
N PHE D 121 -34.52 8.18 -1.98
CA PHE D 121 -35.34 7.41 -2.91
C PHE D 121 -34.92 5.94 -2.80
N ILE D 122 -35.87 5.05 -3.09
CA ILE D 122 -35.59 3.62 -3.06
C ILE D 122 -36.17 2.97 -4.30
N PHE D 123 -35.46 1.99 -4.85
CA PHE D 123 -35.85 1.31 -6.08
C PHE D 123 -35.90 -0.19 -5.83
N PRO D 124 -37.05 -0.83 -6.01
CA PRO D 124 -37.09 -2.30 -5.95
C PRO D 124 -36.46 -2.89 -7.20
N PRO D 125 -36.06 -4.17 -7.16
CA PRO D 125 -35.44 -4.78 -8.34
C PRO D 125 -36.37 -4.82 -9.54
N SER D 126 -35.76 -4.82 -10.72
CA SER D 126 -36.50 -4.86 -11.97
C SER D 126 -36.98 -6.28 -12.27
N ASP D 127 -38.02 -6.37 -13.11
CA ASP D 127 -38.48 -7.67 -13.59
C ASP D 127 -37.38 -8.39 -14.36
N GLU D 128 -36.55 -7.63 -15.09
CA GLU D 128 -35.49 -8.23 -15.90
C GLU D 128 -34.46 -8.93 -15.03
N GLN D 129 -34.03 -8.27 -13.95
CA GLN D 129 -33.07 -8.91 -13.04
C GLN D 129 -33.71 -10.09 -12.33
N LEU D 130 -34.96 -9.94 -11.91
CA LEU D 130 -35.65 -11.02 -11.23
C LEU D 130 -35.79 -12.24 -12.13
N LYS D 131 -36.18 -12.03 -13.38
CA LYS D 131 -36.23 -13.13 -14.36
C LYS D 131 -34.87 -13.81 -14.47
N SER D 132 -33.78 -13.05 -14.34
CA SER D 132 -32.46 -13.64 -14.45
C SER D 132 -32.06 -14.40 -13.20
N GLY D 133 -32.74 -14.18 -12.09
CA GLY D 133 -32.49 -14.93 -10.86
C GLY D 133 -31.82 -14.17 -9.73
N THR D 134 -31.73 -12.84 -9.82
CA THR D 134 -31.11 -12.05 -8.76
C THR D 134 -31.96 -10.81 -8.51
N ALA D 135 -31.78 -10.22 -7.33
CA ALA D 135 -32.56 -9.05 -6.91
C ALA D 135 -31.64 -8.04 -6.26
N SER D 136 -31.51 -6.86 -6.87
CA SER D 136 -30.76 -5.75 -6.30
C SER D 136 -31.72 -4.62 -5.92
N VAL D 137 -31.64 -4.17 -4.67
CA VAL D 137 -32.39 -3.02 -4.18
C VAL D 137 -31.43 -1.85 -4.01
N VAL D 138 -31.80 -0.70 -4.57
CA VAL D 138 -30.96 0.50 -4.58
C VAL D 138 -31.64 1.59 -3.77
N CYS D 139 -30.91 2.15 -2.82
CA CYS D 139 -31.32 3.31 -2.05
C CYS D 139 -30.45 4.50 -2.45
N LEU D 140 -31.08 5.64 -2.73
CA LEU D 140 -30.37 6.82 -3.23
C LEU D 140 -30.52 7.99 -2.27
N LEU D 141 -29.39 8.63 -1.95
CA LEU D 141 -29.35 9.85 -1.14
C LEU D 141 -28.83 10.98 -2.03
N ASN D 142 -29.67 11.96 -2.32
CA ASN D 142 -29.38 12.98 -3.33
C ASN D 142 -29.04 14.34 -2.73
N ASN D 143 -27.93 14.92 -3.19
CA ASN D 143 -27.52 16.31 -2.96
C ASN D 143 -27.49 16.70 -1.48
N PHE D 144 -26.71 15.97 -0.68
CA PHE D 144 -26.55 16.31 0.73
C PHE D 144 -25.15 16.83 1.03
N TYR D 145 -25.04 17.51 2.17
CA TYR D 145 -23.76 17.98 2.72
C TYR D 145 -23.91 18.02 4.23
N PRO D 146 -22.92 17.53 5.00
CA PRO D 146 -21.60 17.03 4.58
C PRO D 146 -21.57 15.59 4.08
N ARG D 147 -20.36 15.10 3.76
CA ARG D 147 -20.22 13.80 3.12
C ARG D 147 -20.46 12.65 4.10
N GLU D 148 -20.28 12.87 5.41
CA GLU D 148 -20.44 11.80 6.38
C GLU D 148 -21.90 11.38 6.43
N ALA D 149 -22.18 10.14 6.02
CA ALA D 149 -23.54 9.59 6.08
C ALA D 149 -23.44 8.09 6.32
N LYS D 150 -24.48 7.54 6.95
CA LYS D 150 -24.53 6.11 7.24
C LYS D 150 -25.84 5.53 6.71
N VAL D 151 -25.74 4.46 5.93
CA VAL D 151 -26.91 3.77 5.37
C VAL D 151 -26.86 2.32 5.79
N GLN D 152 -27.89 1.87 6.50
CA GLN D 152 -28.06 0.47 6.89
C GLN D 152 -29.33 -0.08 6.25
N TRP D 153 -29.23 -1.31 5.74
CA TRP D 153 -30.35 -2.00 5.09
C TRP D 153 -31.14 -2.84 6.08
N LYS D 154 -32.45 -2.88 5.88
CA LYS D 154 -33.34 -3.68 6.71
C LYS D 154 -34.11 -4.62 5.79
N VAL D 155 -33.93 -5.90 5.99
CA VAL D 155 -34.73 -6.92 5.32
C VAL D 155 -35.65 -7.41 6.42
N ASP D 156 -36.94 -7.11 6.27
CA ASP D 156 -37.87 -7.13 7.40
C ASP D 156 -37.27 -6.15 8.40
N ASN D 157 -36.67 -6.58 9.50
CA ASN D 157 -36.13 -5.66 10.49
C ASN D 157 -34.69 -5.96 10.89
N ALA D 158 -33.97 -6.78 10.13
CA ALA D 158 -32.60 -7.19 10.45
C ALA D 158 -31.54 -6.26 9.85
N LEU D 159 -30.31 -6.43 10.35
CA LEU D 159 -29.15 -5.61 9.98
C LEU D 159 -28.69 -5.78 8.53
N GLN D 160 -28.34 -7.00 8.13
CA GLN D 160 -27.73 -7.29 6.83
C GLN D 160 -26.26 -6.88 6.83
N SER D 161 -25.36 -7.85 6.73
CA SER D 161 -23.92 -7.63 6.77
C SER D 161 -23.27 -8.41 5.63
N GLY D 162 -22.38 -7.75 4.90
CA GLY D 162 -21.69 -8.42 3.81
C GLY D 162 -22.54 -8.56 2.58
N ASN D 163 -23.68 -7.85 2.55
CA ASN D 163 -24.67 -7.97 1.51
C ASN D 163 -24.88 -6.72 0.67
N SER D 164 -24.39 -5.57 1.12
CA SER D 164 -24.61 -4.31 0.42
C SER D 164 -23.30 -3.60 0.13
N GLN D 165 -23.37 -2.64 -0.78
CA GLN D 165 -22.20 -1.86 -1.13
C GLN D 165 -22.69 -0.47 -1.49
N GLU D 166 -21.98 0.54 -1.01
CA GLU D 166 -22.37 1.94 -1.19
C GLU D 166 -21.30 2.72 -1.92
N SER D 167 -21.72 3.81 -2.57
CA SER D 167 -20.80 4.63 -3.32
C SER D 167 -21.18 6.09 -3.22
N VAL D 168 -20.18 6.97 -3.21
CA VAL D 168 -20.38 8.40 -3.03
C VAL D 168 -19.78 9.11 -4.24
N THR D 169 -20.52 10.09 -4.76
CA THR D 169 -20.03 10.88 -5.87
C THR D 169 -18.94 11.84 -5.39
N GLU D 170 -18.15 12.33 -6.35
CA GLU D 170 -17.27 13.46 -6.06
C GLU D 170 -18.13 14.67 -5.73
N GLN D 171 -17.62 15.54 -4.86
CA GLN D 171 -18.39 16.73 -4.48
C GLN D 171 -18.73 17.54 -5.71
N ASP D 172 -19.99 17.97 -5.80
CA ASP D 172 -20.46 18.63 -7.00
C ASP D 172 -19.73 19.96 -7.19
N SER D 173 -19.32 20.21 -8.43
CA SER D 173 -18.55 21.42 -8.76
C SER D 173 -19.42 22.66 -8.80
N LYS D 174 -20.75 22.51 -8.84
CA LYS D 174 -21.66 23.64 -8.92
C LYS D 174 -22.30 24.02 -7.60
N ASP D 175 -22.88 23.05 -6.87
CA ASP D 175 -23.56 23.32 -5.62
C ASP D 175 -22.90 22.67 -4.40
N SER D 176 -21.75 22.02 -4.58
CA SER D 176 -20.91 21.55 -3.48
C SER D 176 -21.57 20.47 -2.62
N THR D 177 -22.45 19.67 -3.20
CA THR D 177 -23.12 18.59 -2.48
C THR D 177 -22.58 17.23 -2.90
N TYR D 178 -22.92 16.22 -2.11
CA TYR D 178 -22.62 14.83 -2.41
C TYR D 178 -23.90 14.05 -2.65
N SER D 179 -23.77 12.92 -3.34
CA SER D 179 -24.85 11.94 -3.46
C SER D 179 -24.28 10.56 -3.13
N LEU D 180 -25.16 9.69 -2.62
CA LEU D 180 -24.77 8.38 -2.14
C LEU D 180 -25.70 7.32 -2.71
N SER D 181 -25.14 6.19 -3.11
CA SER D 181 -25.90 5.11 -3.71
C SER D 181 -25.49 3.80 -3.05
N SER D 182 -26.48 3.03 -2.59
CA SER D 182 -26.24 1.76 -1.93
C SER D 182 -27.10 0.70 -2.58
N THR D 183 -26.49 -0.41 -2.95
CA THR D 183 -27.18 -1.51 -3.61
C THR D 183 -27.16 -2.73 -2.70
N LEU D 184 -28.33 -3.21 -2.32
CA LEU D 184 -28.47 -4.46 -1.59
C LEU D 184 -28.80 -5.54 -2.61
N THR D 185 -28.00 -6.60 -2.63
CA THR D 185 -28.14 -7.64 -3.63
C THR D 185 -28.34 -8.99 -2.96
N LEU D 186 -29.43 -9.66 -3.34
CA LEU D 186 -29.76 -11.01 -2.94
C LEU D 186 -30.07 -11.84 -4.16
N SER D 187 -30.00 -13.16 -3.98
CA SER D 187 -30.54 -14.07 -4.97
C SER D 187 -32.05 -13.98 -4.98
N LYS D 188 -32.65 -14.30 -6.13
CA LYS D 188 -34.11 -14.24 -6.23
C LYS D 188 -34.76 -15.17 -5.21
N ALA D 189 -34.15 -16.35 -5.01
CA ALA D 189 -34.71 -17.29 -4.04
C ALA D 189 -34.68 -16.73 -2.63
N ASP D 190 -33.58 -16.05 -2.26
CA ASP D 190 -33.52 -15.44 -0.94
C ASP D 190 -34.42 -14.22 -0.84
N TYR D 191 -34.54 -13.44 -1.93
CA TYR D 191 -35.37 -12.24 -1.91
C TYR D 191 -36.84 -12.57 -1.65
N GLU D 192 -37.35 -13.63 -2.27
CA GLU D 192 -38.77 -13.97 -2.14
C GLU D 192 -39.13 -14.59 -0.80
N LYS D 193 -38.18 -14.73 0.13
CA LYS D 193 -38.45 -15.25 1.46
C LYS D 193 -38.74 -14.15 2.48
N HIS D 194 -38.68 -12.88 2.09
CA HIS D 194 -38.87 -11.77 3.02
C HIS D 194 -39.85 -10.76 2.42
N LYS D 195 -40.43 -9.93 3.28
CA LYS D 195 -41.47 -8.99 2.86
C LYS D 195 -41.00 -7.54 2.81
N VAL D 196 -40.41 -7.02 3.89
CA VAL D 196 -40.09 -5.59 4.00
C VAL D 196 -38.62 -5.36 3.69
N TYR D 197 -38.35 -4.45 2.76
CA TYR D 197 -37.01 -3.98 2.44
C TYR D 197 -36.97 -2.47 2.69
N ALA D 198 -36.04 -2.04 3.54
CA ALA D 198 -36.00 -0.67 4.03
C ALA D 198 -34.57 -0.17 4.10
N CYS D 199 -34.37 1.10 3.81
CA CYS D 199 -33.07 1.73 4.00
C CYS D 199 -33.23 2.86 5.00
N GLU D 200 -32.47 2.78 6.10
CA GLU D 200 -32.44 3.79 7.12
C GLU D 200 -31.15 4.60 6.99
N VAL D 201 -31.30 5.92 6.96
CA VAL D 201 -30.22 6.83 6.60
C VAL D 201 -29.86 7.68 7.82
N THR D 202 -28.57 7.71 8.14
CA THR D 202 -28.06 8.55 9.21
C THR D 202 -27.21 9.67 8.62
N HIS D 203 -27.55 10.91 8.99
CA HIS D 203 -26.84 12.06 8.46
C HIS D 203 -27.18 13.28 9.30
N GLN D 204 -26.20 14.17 9.43
CA GLN D 204 -26.47 15.48 10.00
C GLN D 204 -27.53 16.17 9.14
N GLY D 205 -28.17 17.19 9.71
CA GLY D 205 -29.25 17.82 8.99
C GLY D 205 -30.51 16.99 8.92
N LEU D 206 -30.48 15.74 9.39
CA LEU D 206 -31.67 14.93 9.62
C LEU D 206 -31.94 14.98 11.12
N SER D 207 -33.14 15.43 11.49
CA SER D 207 -33.48 15.48 12.91
C SER D 207 -33.36 14.11 13.56
N SER D 208 -33.75 13.06 12.84
CA SER D 208 -33.55 11.68 13.26
C SER D 208 -33.40 10.83 12.00
N PRO D 209 -32.82 9.65 12.11
CA PRO D 209 -32.68 8.79 10.92
C PRO D 209 -34.03 8.48 10.30
N VAL D 210 -34.08 8.58 8.98
CA VAL D 210 -35.29 8.39 8.18
C VAL D 210 -35.25 7.03 7.52
N THR D 211 -36.41 6.40 7.36
CA THR D 211 -36.52 5.11 6.69
C THR D 211 -37.32 5.27 5.41
N LYS D 212 -36.73 4.83 4.30
CA LYS D 212 -37.42 4.66 3.03
C LYS D 212 -37.56 3.17 2.73
N SER D 213 -38.79 2.73 2.46
CA SER D 213 -39.05 1.30 2.45
C SER D 213 -40.16 0.96 1.45
N PHE D 214 -40.20 -0.32 1.11
CA PHE D 214 -41.29 -0.92 0.36
C PHE D 214 -41.39 -2.38 0.77
N ASN D 215 -42.55 -2.99 0.49
CA ASN D 215 -42.75 -4.42 0.68
C ASN D 215 -43.04 -5.07 -0.67
N ARG D 216 -42.62 -6.34 -0.80
CA ARG D 216 -42.79 -7.08 -2.04
C ARG D 216 -44.25 -7.20 -2.47
N GLY D 217 -45.20 -6.94 -1.57
CA GLY D 217 -46.59 -6.93 -1.98
C GLY D 217 -46.98 -5.71 -2.77
N GLU D 218 -46.17 -4.66 -2.72
CA GLU D 218 -46.54 -3.38 -3.33
C GLU D 218 -46.13 -3.28 -4.80
N CYS D 219 -44.89 -3.64 -5.11
CA CYS D 219 -44.35 -3.36 -6.44
C CYS D 219 -43.97 -4.62 -7.21
#